data_6F8A
#
_entry.id   6F8A
#
_cell.length_a   101.221
_cell.length_b   65.151
_cell.length_c   128.533
_cell.angle_alpha   90.000
_cell.angle_beta   112.810
_cell.angle_gamma   90.000
#
_symmetry.space_group_name_H-M   'C 1 2 1'
#
loop_
_entity.id
_entity.type
_entity.pdbx_description
1 polymer 'Cytochrome P450 CYP260A1'
2 non-polymer 'PROTOPORPHYRIN IX CONTAINING FE'
3 non-polymer HISTIDINE
4 water water
#
_entity_poly.entity_id   1
_entity_poly.type   'polypeptide(L)'
_entity_poly.pdbx_seq_one_letter_code
;MDFPLANLFFVPSEDATAFGRRLRAAAQQAPIVFDTAFGMPILLRKSHITTAYRDTATFSTRMFQAGILNGGLAAMQGDE
HARMRRVYNMFFLPRAVSQYEERFVRPISEQVVDRLAGKPRVDLLEDFAMELPRRVIGELFGFPAEKLHETDERVRAMLR
GLVRMHDPAAVAESQRAYGETLGLITEVVERESRDTSDTLLGEILRTLKAEHMDTIEASRQIVLSLILGGYETTSWLVAN
TIHALLAHPDTLARVRQDPSLLPAAIEEGMRWCPSIFGVLRMVERDVRLDDQALSAGTVVCLAGIAGNYDETAYPSPEVY
DIDRKPLPAANVFGGGAHFCVGAPLARMEARVGLQALLARFPGLRAVPEERPSFMYGAKDSVAHGPDKLPVLLHHHHHHH
;
_entity_poly.pdbx_strand_id   A,B
#
loop_
_chem_comp.id
_chem_comp.type
_chem_comp.name
_chem_comp.formula
HEM non-polymer 'PROTOPORPHYRIN IX CONTAINING FE' 'C34 H32 Fe N4 O4'
#
# COMPACT_ATOMS: atom_id res chain seq x y z
N MET A 1 8.99 18.79 -10.23
CA MET A 1 9.28 17.39 -10.65
C MET A 1 9.82 17.41 -12.05
N ASP A 2 10.87 16.64 -12.23
CA ASP A 2 11.54 16.53 -13.51
C ASP A 2 10.85 15.59 -14.48
N PHE A 3 10.05 14.65 -13.99
CA PHE A 3 9.40 13.61 -14.76
C PHE A 3 7.90 13.56 -14.51
N PRO A 4 7.11 13.13 -15.49
CA PRO A 4 5.67 12.93 -15.27
C PRO A 4 5.44 11.90 -14.19
N LEU A 5 4.34 12.05 -13.47
CA LEU A 5 3.97 11.08 -12.44
C LEU A 5 3.32 9.87 -13.08
N ALA A 6 3.48 8.73 -12.41
CA ALA A 6 2.89 7.50 -12.88
C ALA A 6 2.45 6.67 -11.69
N ASN A 7 1.55 5.70 -11.97
CA ASN A 7 1.10 4.73 -10.98
C ASN A 7 1.12 3.37 -11.66
N LEU A 8 2.30 2.77 -11.70
CA LEU A 8 2.53 1.57 -12.47
C LEU A 8 2.39 0.30 -11.66
N PHE A 9 2.63 0.36 -10.36
CA PHE A 9 2.78 -0.86 -9.58
C PHE A 9 1.59 -1.14 -8.69
N PHE A 10 1.05 -0.10 -8.06
CA PHE A 10 0.05 -0.23 -7.00
C PHE A 10 -1.38 -0.22 -7.53
N VAL A 11 -1.65 -0.98 -8.59
CA VAL A 11 -3.00 -1.16 -9.10
C VAL A 11 -3.31 -2.64 -9.19
N PRO A 12 -4.27 -3.16 -8.42
CA PRO A 12 -4.59 -4.59 -8.49
C PRO A 12 -5.55 -4.85 -9.65
N SER A 13 -5.48 -6.07 -10.17
CA SER A 13 -6.41 -6.46 -11.23
C SER A 13 -6.55 -7.98 -11.24
N GLU A 14 -7.74 -8.43 -11.61
CA GLU A 14 -7.88 -9.85 -11.91
C GLU A 14 -7.32 -10.21 -13.29
N ASP A 15 -6.93 -9.23 -14.06
CA ASP A 15 -6.32 -9.45 -15.37
C ASP A 15 -4.81 -9.40 -15.15
N ALA A 16 -4.16 -10.57 -15.27
CA ALA A 16 -2.73 -10.64 -15.06
C ALA A 16 -1.94 -9.80 -16.04
N THR A 17 -2.55 -9.40 -17.17
CA THR A 17 -1.86 -8.56 -18.14
C THR A 17 -1.86 -7.10 -17.79
N ALA A 18 -2.60 -6.70 -16.75
CA ALA A 18 -2.75 -5.27 -16.51
C ALA A 18 -1.40 -4.59 -16.27
N PHE A 19 -0.51 -5.23 -15.49
CA PHE A 19 0.79 -4.62 -15.20
C PHE A 19 1.57 -4.40 -16.48
N GLY A 20 1.72 -5.44 -17.29
CA GLY A 20 2.44 -5.27 -18.55
C GLY A 20 1.83 -4.21 -19.44
N ARG A 21 0.49 -4.15 -19.48
CA ARG A 21 -0.16 -3.14 -20.30
C ARG A 21 0.09 -1.74 -19.75
N ARG A 22 0.08 -1.58 -18.42
CA ARG A 22 0.36 -0.25 -17.86
C ARG A 22 1.77 0.20 -18.18
N LEU A 23 2.73 -0.72 -18.12
CA LEU A 23 4.11 -0.37 -18.41
C LEU A 23 4.26 0.08 -19.85
N ARG A 24 3.66 -0.66 -20.78
CA ARG A 24 3.76 -0.30 -22.19
C ARG A 24 3.10 1.04 -22.44
N ALA A 25 1.89 1.25 -21.90
CA ALA A 25 1.21 2.52 -22.12
C ALA A 25 2.01 3.69 -21.59
N ALA A 26 2.65 3.52 -20.43
CA ALA A 26 3.45 4.60 -19.89
C ALA A 26 4.68 4.85 -20.75
N ALA A 27 5.32 3.78 -21.25
CA ALA A 27 6.51 3.94 -22.10
C ALA A 27 6.19 4.69 -23.38
N GLN A 28 4.97 4.52 -23.88
CA GLN A 28 4.56 5.24 -25.08
C GLN A 28 4.36 6.72 -24.82
N GLN A 29 4.12 7.12 -23.57
CA GLN A 29 3.91 8.53 -23.22
C GLN A 29 5.16 9.27 -22.77
N ALA A 30 6.12 8.60 -22.12
CA ALA A 30 7.29 9.27 -21.58
C ALA A 30 8.40 8.26 -21.38
N PRO A 31 9.66 8.67 -21.52
CA PRO A 31 10.76 7.72 -21.32
C PRO A 31 11.06 7.42 -19.85
N ILE A 32 10.81 8.40 -18.99
CA ILE A 32 11.08 8.27 -17.55
C ILE A 32 9.91 8.88 -16.81
N VAL A 33 9.37 8.12 -15.86
CA VAL A 33 8.30 8.60 -15.01
C VAL A 33 8.72 8.50 -13.56
N PHE A 34 8.06 9.26 -12.71
CA PHE A 34 8.23 9.15 -11.27
C PHE A 34 7.03 8.43 -10.68
N ASP A 35 7.25 7.25 -10.14
CA ASP A 35 6.14 6.51 -9.57
C ASP A 35 5.94 6.95 -8.12
N THR A 36 4.85 7.64 -7.83
CA THR A 36 4.72 8.24 -6.50
C THR A 36 4.62 7.22 -5.39
N ALA A 37 3.90 6.13 -5.64
CA ALA A 37 3.71 5.15 -4.58
C ALA A 37 4.98 4.33 -4.36
N PHE A 38 5.67 3.97 -5.44
CA PHE A 38 6.86 3.17 -5.28
C PHE A 38 8.01 4.05 -4.83
N GLY A 39 8.00 5.30 -5.28
CA GLY A 39 8.86 6.35 -4.78
C GLY A 39 10.19 6.58 -5.48
N MET A 40 10.29 6.29 -6.76
CA MET A 40 11.55 6.52 -7.46
C MET A 40 11.28 6.68 -8.96
N PRO A 41 12.24 7.19 -9.71
CA PRO A 41 12.10 7.23 -11.17
C PRO A 41 12.17 5.85 -11.78
N ILE A 42 11.38 5.67 -12.83
CA ILE A 42 11.26 4.43 -13.58
C ILE A 42 11.69 4.72 -15.02
N LEU A 43 12.71 4.01 -15.50
CA LEU A 43 13.17 4.12 -16.88
C LEU A 43 12.42 3.11 -17.73
N LEU A 44 11.73 3.62 -18.74
CA LEU A 44 10.87 2.80 -19.56
C LEU A 44 11.33 2.64 -21.03
N ARG A 45 12.29 3.45 -21.45
CA ARG A 45 12.72 3.49 -22.86
C ARG A 45 13.79 2.42 -23.11
N LYS A 46 13.57 1.56 -24.11
CA LYS A 46 14.48 0.43 -24.29
C LYS A 46 15.93 0.87 -24.50
N SER A 47 16.16 1.91 -25.31
CA SER A 47 17.54 2.34 -25.56
CA SER A 47 17.54 2.34 -25.56
C SER A 47 18.21 2.78 -24.27
N HIS A 48 17.47 3.46 -23.38
CA HIS A 48 18.07 3.88 -22.11
C HIS A 48 18.39 2.69 -21.24
N ILE A 49 17.49 1.69 -21.23
CA ILE A 49 17.67 0.52 -20.39
C ILE A 49 18.87 -0.30 -20.85
N THR A 50 18.95 -0.59 -22.15
CA THR A 50 20.05 -1.39 -22.66
C THR A 50 21.38 -0.67 -22.52
N THR A 51 21.38 0.65 -22.77
CA THR A 51 22.58 1.46 -22.50
C THR A 51 22.97 1.36 -21.04
N ALA A 52 22.00 1.50 -20.12
CA ALA A 52 22.30 1.47 -18.69
C ALA A 52 22.87 0.13 -18.26
N TYR A 53 22.33 -0.97 -18.78
CA TYR A 53 22.85 -2.29 -18.39
C TYR A 53 24.31 -2.45 -18.75
N ARG A 54 24.77 -1.80 -19.82
CA ARG A 54 26.15 -1.93 -20.26
C ARG A 54 27.09 -0.92 -19.63
N ASP A 55 26.59 0.24 -19.22
CA ASP A 55 27.47 1.26 -18.65
C ASP A 55 27.42 1.16 -17.13
N THR A 56 28.13 0.18 -16.59
CA THR A 56 28.08 -0.08 -15.15
C THR A 56 28.81 0.97 -14.34
N ALA A 57 29.71 1.73 -14.96
CA ALA A 57 30.36 2.82 -14.23
C ALA A 57 29.38 3.95 -13.96
N THR A 58 28.42 4.17 -14.85
CA THR A 58 27.40 5.18 -14.65
C THR A 58 26.17 4.65 -13.93
N PHE A 59 25.81 3.39 -14.16
CA PHE A 59 24.63 2.77 -13.55
C PHE A 59 25.13 1.54 -12.82
N SER A 60 25.34 1.67 -11.50
CA SER A 60 25.96 0.63 -10.73
C SER A 60 24.93 -0.14 -9.91
N THR A 61 25.40 -1.16 -9.20
CA THR A 61 24.57 -1.79 -8.18
C THR A 61 25.05 -1.43 -6.77
N ARG A 62 25.75 -0.30 -6.62
CA ARG A 62 26.36 0.04 -5.34
CA ARG A 62 26.36 0.04 -5.34
C ARG A 62 25.33 0.37 -4.27
N MET A 63 24.07 0.61 -4.62
CA MET A 63 23.09 0.84 -3.58
C MET A 63 22.97 -0.37 -2.65
N PHE A 64 23.32 -1.57 -3.13
CA PHE A 64 23.29 -2.76 -2.30
C PHE A 64 24.40 -2.77 -1.25
N GLN A 65 25.40 -1.89 -1.35
CA GLN A 65 26.42 -1.86 -0.31
C GLN A 65 25.91 -1.29 1.00
N ALA A 66 24.75 -0.63 1.03
CA ALA A 66 24.20 -0.02 2.24
C ALA A 66 23.22 -0.91 3.00
N GLY A 67 23.03 -2.16 2.57
CA GLY A 67 22.04 -2.99 3.21
C GLY A 67 22.53 -4.41 3.37
N ILE A 68 21.60 -5.35 3.51
CA ILE A 68 21.95 -6.70 3.92
C ILE A 68 22.71 -7.49 2.87
N LEU A 69 22.68 -7.06 1.61
CA LEU A 69 23.45 -7.71 0.56
C LEU A 69 24.90 -7.25 0.51
N ASN A 70 25.31 -6.33 1.37
CA ASN A 70 26.71 -5.94 1.33
C ASN A 70 27.61 -7.12 1.66
N GLY A 71 28.62 -7.34 0.85
CA GLY A 71 29.47 -8.52 0.98
C GLY A 71 29.10 -9.63 0.03
N GLY A 72 27.92 -9.55 -0.58
CA GLY A 72 27.48 -10.53 -1.54
C GLY A 72 27.79 -10.12 -2.98
N LEU A 73 27.38 -11.00 -3.91
CA LEU A 73 27.71 -10.82 -5.32
C LEU A 73 27.09 -9.55 -5.90
N ALA A 74 25.79 -9.34 -5.68
CA ALA A 74 25.10 -8.25 -6.35
C ALA A 74 25.68 -6.89 -6.00
N ALA A 75 26.23 -6.74 -4.79
CA ALA A 75 26.80 -5.47 -4.39
C ALA A 75 28.19 -5.22 -4.95
N MET A 76 28.81 -6.22 -5.54
CA MET A 76 30.14 -6.05 -6.10
C MET A 76 30.07 -5.34 -7.45
N GLN A 77 31.16 -4.62 -7.76
CA GLN A 77 31.34 -3.94 -9.03
C GLN A 77 32.57 -4.46 -9.75
N GLY A 78 32.63 -4.21 -11.06
CA GLY A 78 33.87 -4.34 -11.79
C GLY A 78 34.49 -5.72 -11.72
N ASP A 79 35.82 -5.73 -11.54
CA ASP A 79 36.57 -6.97 -11.58
C ASP A 79 36.26 -7.87 -10.40
N GLU A 80 36.02 -7.28 -9.23
CA GLU A 80 35.60 -8.06 -8.07
C GLU A 80 34.31 -8.82 -8.38
N HIS A 81 33.34 -8.11 -8.94
CA HIS A 81 32.10 -8.76 -9.35
C HIS A 81 32.36 -9.89 -10.34
N ALA A 82 33.17 -9.63 -11.38
CA ALA A 82 33.38 -10.64 -12.41
C ALA A 82 33.97 -11.91 -11.83
N ARG A 83 34.92 -11.76 -10.92
CA ARG A 83 35.56 -12.93 -10.33
C ARG A 83 34.57 -13.76 -9.53
N MET A 84 33.79 -13.10 -8.68
CA MET A 84 32.83 -13.88 -7.91
C MET A 84 31.72 -14.43 -8.79
N ARG A 85 31.30 -13.68 -9.81
CA ARG A 85 30.24 -14.21 -10.67
C ARG A 85 30.68 -15.48 -11.38
N ARG A 86 31.94 -15.56 -11.78
CA ARG A 86 32.44 -16.76 -12.45
C ARG A 86 32.30 -17.98 -11.53
N VAL A 87 32.53 -17.79 -10.23
CA VAL A 87 32.39 -18.89 -9.28
C VAL A 87 30.92 -19.27 -9.10
N TYR A 88 30.06 -18.27 -8.84
CA TYR A 88 28.63 -18.58 -8.76
C TYR A 88 28.14 -19.29 -10.02
N ASN A 89 28.58 -18.82 -11.19
CA ASN A 89 28.07 -19.40 -12.43
C ASN A 89 28.40 -20.88 -12.55
N MET A 90 29.51 -21.32 -11.95
CA MET A 90 29.85 -22.74 -11.96
C MET A 90 28.70 -23.60 -11.45
N PHE A 91 27.95 -23.11 -10.46
CA PHE A 91 26.91 -23.91 -9.83
C PHE A 91 25.64 -23.96 -10.64
N PHE A 92 25.57 -23.21 -11.75
CA PHE A 92 24.38 -23.13 -12.57
C PHE A 92 24.67 -23.46 -14.03
N LEU A 93 25.80 -24.13 -14.30
CA LEU A 93 26.13 -24.61 -15.62
C LEU A 93 25.18 -25.74 -16.03
N PRO A 94 25.01 -25.98 -17.34
CA PRO A 94 24.02 -26.98 -17.76
C PRO A 94 24.17 -28.35 -17.13
N ARG A 95 25.40 -28.89 -17.07
CA ARG A 95 25.55 -30.24 -16.52
C ARG A 95 25.23 -30.27 -15.03
N ALA A 96 25.59 -29.21 -14.30
CA ALA A 96 25.25 -29.14 -12.88
C ALA A 96 23.75 -29.10 -12.69
N VAL A 97 23.05 -28.29 -13.49
CA VAL A 97 21.60 -28.18 -13.35
C VAL A 97 20.93 -29.51 -13.67
N SER A 98 21.40 -30.23 -14.70
CA SER A 98 20.84 -31.53 -15.03
C SER A 98 21.00 -32.51 -13.89
N GLN A 99 22.09 -32.40 -13.14
CA GLN A 99 22.29 -33.29 -12.00
C GLN A 99 21.32 -32.92 -10.87
N TYR A 100 21.12 -31.62 -10.62
CA TYR A 100 20.12 -31.21 -9.64
C TYR A 100 18.75 -31.72 -10.02
N GLU A 101 18.43 -31.68 -11.32
CA GLU A 101 17.12 -32.14 -11.80
C GLU A 101 16.91 -33.61 -11.47
N GLU A 102 17.91 -34.44 -11.75
CA GLU A 102 17.76 -35.88 -11.51
C GLU A 102 17.81 -36.20 -10.03
N ARG A 103 18.71 -35.56 -9.27
CA ARG A 103 18.96 -35.91 -7.88
C ARG A 103 17.96 -35.29 -6.90
N PHE A 104 17.58 -34.01 -7.09
CA PHE A 104 16.69 -33.31 -6.17
C PHE A 104 15.33 -33.03 -6.79
N VAL A 105 15.32 -32.31 -7.91
CA VAL A 105 14.12 -31.56 -8.26
C VAL A 105 13.01 -32.47 -8.74
N ARG A 106 13.32 -33.44 -9.61
CA ARG A 106 12.24 -34.31 -10.06
C ARG A 106 11.66 -35.12 -8.90
N PRO A 107 12.46 -35.79 -8.06
CA PRO A 107 11.86 -36.50 -6.93
C PRO A 107 11.07 -35.61 -5.98
N ILE A 108 11.57 -34.42 -5.67
CA ILE A 108 10.84 -33.53 -4.79
C ILE A 108 9.54 -33.08 -5.44
N SER A 109 9.58 -32.77 -6.74
CA SER A 109 8.36 -32.36 -7.43
C SER A 109 7.29 -33.44 -7.32
N GLU A 110 7.69 -34.71 -7.49
CA GLU A 110 6.70 -35.79 -7.39
C GLU A 110 6.11 -35.86 -5.98
N GLN A 111 6.93 -35.70 -4.94
CA GLN A 111 6.44 -35.71 -3.56
C GLN A 111 5.50 -34.53 -3.30
N VAL A 112 5.88 -33.34 -3.78
CA VAL A 112 5.05 -32.16 -3.58
C VAL A 112 3.67 -32.35 -4.17
N VAL A 113 3.60 -32.83 -5.43
CA VAL A 113 2.30 -32.97 -6.07
C VAL A 113 1.51 -34.12 -5.45
N ASP A 114 2.21 -35.18 -5.01
CA ASP A 114 1.55 -36.30 -4.31
C ASP A 114 0.72 -35.79 -3.14
N ARG A 115 1.29 -34.90 -2.33
CA ARG A 115 0.65 -34.42 -1.12
C ARG A 115 -0.65 -33.68 -1.39
N LEU A 116 -0.92 -33.29 -2.62
CA LEU A 116 -2.14 -32.58 -2.96
C LEU A 116 -3.30 -33.50 -3.30
N ALA A 117 -3.04 -34.79 -3.56
CA ALA A 117 -4.02 -35.66 -4.21
C ALA A 117 -5.24 -35.99 -3.35
N GLY A 118 -5.15 -35.87 -2.03
CA GLY A 118 -6.30 -36.22 -1.21
C GLY A 118 -7.35 -35.14 -1.06
N LYS A 119 -7.20 -34.01 -1.75
CA LYS A 119 -8.10 -32.89 -1.59
C LYS A 119 -8.78 -32.54 -2.91
N PRO A 120 -10.07 -32.20 -2.87
CA PRO A 120 -10.74 -31.74 -4.10
C PRO A 120 -10.34 -30.35 -4.54
N ARG A 121 -9.87 -29.51 -3.62
CA ARG A 121 -9.48 -28.14 -3.94
C ARG A 121 -8.26 -27.77 -3.11
N VAL A 122 -7.33 -27.04 -3.74
CA VAL A 122 -6.09 -26.62 -3.07
C VAL A 122 -5.74 -25.24 -3.60
N ASP A 123 -4.87 -24.56 -2.88
CA ASP A 123 -4.28 -23.30 -3.34
C ASP A 123 -2.90 -23.60 -3.87
N LEU A 124 -2.73 -23.54 -5.19
CA LEU A 124 -1.42 -23.85 -5.77
C LEU A 124 -0.36 -22.82 -5.42
N LEU A 125 -0.73 -21.64 -4.95
CA LEU A 125 0.31 -20.68 -4.54
C LEU A 125 1.06 -21.21 -3.32
N GLU A 126 0.35 -21.40 -2.22
CA GLU A 126 0.98 -21.88 -0.99
C GLU A 126 1.41 -23.33 -1.09
N ASP A 127 0.60 -24.20 -1.71
CA ASP A 127 0.81 -25.64 -1.60
CA ASP A 127 0.82 -25.64 -1.59
C ASP A 127 1.66 -26.22 -2.71
N PHE A 128 2.07 -25.42 -3.69
CA PHE A 128 2.87 -25.90 -4.79
C PHE A 128 3.95 -24.90 -5.16
N ALA A 129 3.57 -23.70 -5.57
CA ALA A 129 4.56 -22.73 -6.04
C ALA A 129 5.57 -22.37 -4.95
N MET A 130 5.12 -22.23 -3.71
CA MET A 130 6.01 -21.93 -2.59
CA MET A 130 6.03 -21.93 -2.61
C MET A 130 6.69 -23.19 -2.07
N GLU A 131 5.94 -24.29 -2.01
CA GLU A 131 6.43 -25.53 -1.42
C GLU A 131 7.62 -26.12 -2.18
N LEU A 132 7.52 -26.23 -3.51
CA LEU A 132 8.57 -26.89 -4.27
C LEU A 132 9.92 -26.18 -4.14
N PRO A 133 10.04 -24.88 -4.40
CA PRO A 133 11.36 -24.25 -4.27
C PRO A 133 11.89 -24.29 -2.85
N ARG A 134 11.02 -24.16 -1.85
CA ARG A 134 11.46 -24.26 -0.46
C ARG A 134 12.09 -25.62 -0.18
N ARG A 135 11.44 -26.69 -0.62
CA ARG A 135 11.95 -28.03 -0.37
C ARG A 135 13.24 -28.27 -1.14
N VAL A 136 13.38 -27.71 -2.34
CA VAL A 136 14.65 -27.85 -3.06
C VAL A 136 15.77 -27.20 -2.26
N ILE A 137 15.54 -25.99 -1.74
CA ILE A 137 16.59 -25.33 -0.96
C ILE A 137 16.87 -26.10 0.32
N GLY A 138 15.83 -26.59 0.99
CA GLY A 138 16.03 -27.42 2.18
C GLY A 138 16.95 -28.60 1.92
N GLU A 139 16.80 -29.23 0.76
CA GLU A 139 17.66 -30.36 0.41
C GLU A 139 19.05 -29.93 -0.07
N LEU A 140 19.16 -28.77 -0.73
CA LEU A 140 20.49 -28.26 -1.06
C LEU A 140 21.28 -27.95 0.20
N PHE A 141 20.63 -27.46 1.23
CA PHE A 141 21.30 -27.11 2.48
C PHE A 141 21.52 -28.31 3.38
N GLY A 142 20.85 -29.43 3.12
CA GLY A 142 20.84 -30.51 4.09
C GLY A 142 20.12 -30.04 5.32
N PHE A 143 19.02 -29.32 5.13
CA PHE A 143 18.37 -28.57 6.19
C PHE A 143 16.87 -28.71 6.03
N PRO A 144 16.11 -28.68 7.14
CA PRO A 144 14.68 -29.04 7.05
C PRO A 144 13.84 -27.94 6.42
N ALA A 145 13.06 -28.33 5.44
CA ALA A 145 12.18 -27.37 4.76
C ALA A 145 11.18 -26.71 5.68
N GLU A 146 10.77 -27.42 6.70
CA GLU A 146 9.81 -26.90 7.65
C GLU A 146 10.40 -25.73 8.47
N LYS A 147 11.67 -25.84 8.73
CA LYS A 147 12.39 -24.76 9.41
C LYS A 147 12.51 -23.51 8.46
N LEU A 148 12.70 -23.75 7.18
CA LEU A 148 12.71 -22.63 6.23
C LEU A 148 11.34 -21.99 6.11
N HIS A 149 10.27 -22.81 6.16
CA HIS A 149 8.94 -22.25 6.08
C HIS A 149 8.71 -21.19 7.16
N GLU A 150 9.26 -21.39 8.35
CA GLU A 150 9.08 -20.43 9.44
C GLU A 150 9.79 -19.09 9.22
N THR A 151 10.65 -18.97 8.21
CA THR A 151 11.32 -17.72 7.92
C THR A 151 10.55 -16.79 6.98
N ASP A 152 9.35 -17.18 6.52
CA ASP A 152 8.67 -16.40 5.48
C ASP A 152 8.55 -14.91 5.81
N GLU A 153 8.10 -14.56 7.02
CA GLU A 153 7.98 -13.14 7.35
CA GLU A 153 7.97 -13.14 7.35
C GLU A 153 9.33 -12.45 7.25
N ARG A 154 10.38 -13.11 7.75
CA ARG A 154 11.70 -12.53 7.72
C ARG A 154 12.22 -12.40 6.30
N VAL A 155 11.95 -13.41 5.46
CA VAL A 155 12.39 -13.36 4.07
C VAL A 155 11.76 -12.16 3.36
N ARG A 156 10.46 -11.96 3.53
CA ARG A 156 9.83 -10.86 2.82
C ARG A 156 10.23 -9.51 3.39
N ALA A 157 10.42 -9.42 4.71
CA ALA A 157 10.95 -8.18 5.30
C ALA A 157 12.36 -7.86 4.76
N MET A 158 13.19 -8.89 4.62
CA MET A 158 14.50 -8.69 4.02
C MET A 158 14.38 -8.11 2.61
N LEU A 159 13.50 -8.70 1.81
CA LEU A 159 13.33 -8.28 0.42
C LEU A 159 12.78 -6.87 0.29
N ARG A 160 11.82 -6.49 1.15
CA ARG A 160 11.21 -5.17 1.02
C ARG A 160 12.25 -4.06 1.19
N GLY A 161 13.28 -4.31 2.00
CA GLY A 161 14.34 -3.32 2.15
C GLY A 161 15.33 -3.27 1.01
N LEU A 162 15.31 -4.26 0.14
CA LEU A 162 16.18 -4.30 -1.02
C LEU A 162 15.58 -3.66 -2.25
N VAL A 163 14.34 -3.19 -2.20
CA VAL A 163 13.68 -2.65 -3.38
CA VAL A 163 13.69 -2.66 -3.39
C VAL A 163 13.38 -1.17 -3.26
N ARG A 164 13.09 -0.72 -2.05
CA ARG A 164 12.76 0.68 -1.78
C ARG A 164 13.72 1.19 -0.70
N MET A 165 14.97 1.41 -1.10
CA MET A 165 15.95 1.73 -0.08
C MET A 165 15.95 3.20 0.32
N HIS A 166 15.11 4.03 -0.28
CA HIS A 166 14.86 5.39 0.20
C HIS A 166 13.90 5.40 1.39
N ASP A 167 13.38 4.24 1.78
CA ASP A 167 12.49 4.12 2.91
C ASP A 167 13.32 3.58 4.08
N PRO A 168 13.71 4.43 5.05
CA PRO A 168 14.57 3.94 6.13
C PRO A 168 13.91 2.94 7.02
N ALA A 169 12.58 3.00 7.16
CA ALA A 169 11.87 2.01 7.94
C ALA A 169 11.98 0.63 7.30
N ALA A 170 11.80 0.56 5.97
CA ALA A 170 11.96 -0.71 5.25
C ALA A 170 13.38 -1.24 5.35
N VAL A 171 14.35 -0.35 5.23
CA VAL A 171 15.75 -0.78 5.32
C VAL A 171 16.03 -1.35 6.72
N ALA A 172 15.61 -0.63 7.77
CA ALA A 172 15.83 -1.12 9.12
C ALA A 172 15.15 -2.46 9.36
N GLU A 173 13.93 -2.65 8.83
CA GLU A 173 13.26 -3.94 9.00
C GLU A 173 13.96 -5.06 8.26
N SER A 174 14.56 -4.74 7.11
CA SER A 174 15.34 -5.73 6.39
CA SER A 174 15.33 -5.74 6.40
C SER A 174 16.56 -6.15 7.21
N GLN A 175 17.23 -5.18 7.84
CA GLN A 175 18.35 -5.47 8.72
C GLN A 175 17.90 -6.28 9.95
N ARG A 176 16.75 -5.90 10.52
CA ARG A 176 16.21 -6.64 11.66
C ARG A 176 15.95 -8.09 11.27
N ALA A 177 15.30 -8.30 10.11
CA ALA A 177 14.94 -9.65 9.70
C ALA A 177 16.17 -10.49 9.40
N TYR A 178 17.16 -9.88 8.76
CA TYR A 178 18.42 -10.60 8.52
C TYR A 178 19.07 -10.99 9.85
N GLY A 179 19.13 -10.04 10.81
CA GLY A 179 19.68 -10.37 12.12
C GLY A 179 18.95 -11.52 12.79
N GLU A 180 17.63 -11.62 12.59
CA GLU A 180 16.83 -12.71 13.15
C GLU A 180 16.96 -14.01 12.37
N THR A 181 17.63 -13.98 11.22
CA THR A 181 17.90 -15.17 10.42
C THR A 181 19.38 -15.56 10.45
N LEU A 182 20.22 -14.74 11.06
CA LEU A 182 21.65 -14.99 11.07
C LEU A 182 22.00 -16.26 11.83
N GLY A 183 21.27 -16.57 12.90
CA GLY A 183 21.54 -17.81 13.61
C GLY A 183 21.37 -19.03 12.72
N LEU A 184 20.25 -19.06 11.98
CA LEU A 184 19.97 -20.14 11.05
C LEU A 184 21.04 -20.21 9.97
N ILE A 185 21.39 -19.06 9.40
CA ILE A 185 22.38 -19.05 8.33
C ILE A 185 23.72 -19.57 8.83
N THR A 186 24.11 -19.13 10.03
CA THR A 186 25.38 -19.57 10.60
C THR A 186 25.37 -21.07 10.87
N GLU A 187 24.28 -21.59 11.41
CA GLU A 187 24.21 -23.03 11.65
C GLU A 187 24.35 -23.81 10.35
N VAL A 188 23.68 -23.35 9.29
CA VAL A 188 23.78 -24.03 8.01
C VAL A 188 25.22 -23.99 7.49
N VAL A 189 25.86 -22.83 7.57
CA VAL A 189 27.24 -22.73 7.07
C VAL A 189 28.15 -23.67 7.84
N GLU A 190 28.08 -23.63 9.17
CA GLU A 190 29.00 -24.43 9.97
C GLU A 190 28.81 -25.92 9.73
N ARG A 191 27.56 -26.38 9.65
CA ARG A 191 27.31 -27.79 9.40
C ARG A 191 27.84 -28.22 8.04
N GLU A 192 27.65 -27.40 7.02
CA GLU A 192 28.08 -27.76 5.66
C GLU A 192 29.50 -27.34 5.36
N SER A 193 30.17 -26.63 6.28
CA SER A 193 31.58 -26.30 6.13
C SER A 193 32.50 -27.39 6.66
N ARG A 194 31.97 -28.43 7.28
CA ARG A 194 32.79 -29.52 7.75
C ARG A 194 33.31 -30.34 6.58
N ASP A 195 34.48 -30.96 6.79
CA ASP A 195 35.06 -31.78 5.72
C ASP A 195 34.18 -32.96 5.39
N THR A 196 33.30 -33.35 6.31
CA THR A 196 32.40 -34.47 6.12
C THR A 196 31.04 -34.08 5.53
N SER A 197 30.91 -32.84 5.03
CA SER A 197 29.64 -32.38 4.47
C SER A 197 29.35 -33.10 3.16
N ASP A 198 28.08 -33.46 2.95
CA ASP A 198 27.65 -34.15 1.74
C ASP A 198 26.47 -33.45 1.07
N THR A 199 26.56 -32.13 0.87
CA THR A 199 25.51 -31.35 0.21
C THR A 199 26.08 -30.56 -0.97
N LEU A 200 25.18 -30.11 -1.86
CA LEU A 200 25.59 -29.14 -2.86
C LEU A 200 26.14 -27.91 -2.17
N LEU A 201 25.50 -27.47 -1.09
CA LEU A 201 26.05 -26.34 -0.35
C LEU A 201 27.45 -26.66 0.14
N GLY A 202 27.65 -27.89 0.65
CA GLY A 202 29.00 -28.31 1.01
C GLY A 202 29.97 -28.21 -0.14
N GLU A 203 29.57 -28.70 -1.32
N GLU A 203 29.57 -28.70 -1.31
CA GLU A 203 30.42 -28.58 -2.51
CA GLU A 203 30.39 -28.58 -2.52
C GLU A 203 30.65 -27.11 -2.87
C GLU A 203 30.65 -27.11 -2.86
N ILE A 204 29.61 -26.28 -2.77
CA ILE A 204 29.78 -24.86 -3.07
C ILE A 204 30.81 -24.24 -2.15
N LEU A 205 30.70 -24.52 -0.85
CA LEU A 205 31.63 -23.91 0.10
C LEU A 205 33.06 -24.40 -0.13
N ARG A 206 33.23 -25.68 -0.50
CA ARG A 206 34.56 -26.16 -0.84
C ARG A 206 35.07 -25.46 -2.09
N THR A 207 34.22 -25.38 -3.11
CA THR A 207 34.60 -24.70 -4.35
C THR A 207 34.95 -23.25 -4.09
N LEU A 208 34.17 -22.59 -3.23
CA LEU A 208 34.56 -21.24 -2.81
C LEU A 208 35.98 -21.22 -2.26
N LYS A 209 36.34 -22.22 -1.46
CA LYS A 209 37.69 -22.24 -0.89
C LYS A 209 38.75 -22.61 -1.92
N ALA A 210 38.43 -23.55 -2.80
CA ALA A 210 39.35 -23.90 -3.89
C ALA A 210 39.57 -22.74 -4.84
N GLU A 211 38.58 -21.86 -4.98
CA GLU A 211 38.70 -20.69 -5.83
C GLU A 211 39.20 -19.48 -5.07
N HIS A 212 39.63 -19.66 -3.81
CA HIS A 212 40.30 -18.63 -3.01
C HIS A 212 39.38 -17.50 -2.57
N MET A 213 38.12 -17.80 -2.39
CA MET A 213 37.14 -16.80 -2.11
C MET A 213 36.28 -17.12 -0.93
N ASP A 214 36.77 -17.93 -0.04
CA ASP A 214 35.96 -18.53 1.01
C ASP A 214 36.06 -17.78 2.35
N THR A 215 35.55 -16.55 2.38
CA THR A 215 35.35 -15.89 3.66
C THR A 215 34.02 -16.34 4.28
N ILE A 216 33.85 -16.04 5.58
CA ILE A 216 32.56 -16.35 6.21
C ILE A 216 31.45 -15.48 5.63
N GLU A 217 31.74 -14.22 5.32
CA GLU A 217 30.75 -13.36 4.67
C GLU A 217 30.31 -13.94 3.34
N ALA A 218 31.26 -14.45 2.54
CA ALA A 218 30.90 -15.07 1.27
C ALA A 218 30.01 -16.28 1.50
N SER A 219 30.27 -17.07 2.55
CA SER A 219 29.44 -18.22 2.82
C SER A 219 28.04 -17.80 3.25
N ARG A 220 27.93 -16.79 4.13
CA ARG A 220 26.63 -16.31 4.53
C ARG A 220 25.84 -15.79 3.35
N GLN A 221 26.51 -15.07 2.44
CA GLN A 221 25.80 -14.44 1.33
C GLN A 221 25.34 -15.45 0.29
N ILE A 222 26.09 -16.52 0.04
CA ILE A 222 25.57 -17.51 -0.89
C ILE A 222 24.36 -18.22 -0.30
N VAL A 223 24.38 -18.49 1.01
CA VAL A 223 23.20 -19.06 1.67
C VAL A 223 22.03 -18.09 1.55
N LEU A 224 22.28 -16.81 1.80
CA LEU A 224 21.21 -15.82 1.71
C LEU A 224 20.62 -15.76 0.30
N SER A 225 21.47 -15.77 -0.73
N SER A 225 21.47 -15.78 -0.72
CA SER A 225 20.96 -15.74 -2.09
CA SER A 225 20.98 -15.75 -2.10
C SER A 225 20.12 -16.97 -2.40
C SER A 225 20.13 -16.96 -2.40
N LEU A 226 20.53 -18.12 -1.90
CA LEU A 226 19.75 -19.34 -2.13
C LEU A 226 18.40 -19.29 -1.45
N ILE A 227 18.30 -18.63 -0.30
CA ILE A 227 17.00 -18.43 0.34
C ILE A 227 16.17 -17.40 -0.43
N LEU A 228 16.71 -16.21 -0.62
CA LEU A 228 15.92 -15.10 -1.16
C LEU A 228 15.59 -15.32 -2.64
N GLY A 229 16.57 -15.76 -3.42
CA GLY A 229 16.36 -16.08 -4.83
C GLY A 229 15.87 -17.49 -5.08
N GLY A 230 16.58 -18.46 -4.49
CA GLY A 230 16.30 -19.86 -4.77
C GLY A 230 14.92 -20.31 -4.32
N TYR A 231 14.46 -19.82 -3.17
CA TYR A 231 13.13 -20.14 -2.65
C TYR A 231 12.12 -19.08 -3.06
N GLU A 232 12.23 -17.89 -2.49
CA GLU A 232 11.13 -16.93 -2.57
C GLU A 232 10.93 -16.42 -3.99
N THR A 233 11.98 -15.97 -4.64
CA THR A 233 11.79 -15.37 -5.96
C THR A 233 11.35 -16.40 -6.97
N THR A 234 11.91 -17.60 -6.89
CA THR A 234 11.51 -18.67 -7.80
C THR A 234 10.03 -19.01 -7.65
N SER A 235 9.52 -18.95 -6.42
CA SER A 235 8.11 -19.29 -6.20
C SER A 235 7.18 -18.46 -7.08
N TRP A 236 7.48 -17.17 -7.27
CA TRP A 236 6.58 -16.31 -8.01
C TRP A 236 6.63 -16.60 -9.50
N LEU A 237 7.79 -17.03 -10.02
CA LEU A 237 7.84 -17.47 -11.40
C LEU A 237 6.95 -18.69 -11.59
N VAL A 238 7.04 -19.66 -10.66
CA VAL A 238 6.20 -20.84 -10.76
C VAL A 238 4.73 -20.45 -10.69
N ALA A 239 4.40 -19.56 -9.75
CA ALA A 239 3.02 -19.12 -9.59
C ALA A 239 2.47 -18.48 -10.85
N ASN A 240 3.22 -17.56 -11.45
CA ASN A 240 2.68 -16.84 -12.60
C ASN A 240 2.57 -17.76 -13.81
N THR A 241 3.45 -18.75 -13.92
CA THR A 241 3.34 -19.72 -15.01
C THR A 241 2.08 -20.57 -14.85
N ILE A 242 1.79 -21.03 -13.67
CA ILE A 242 0.61 -21.83 -13.39
C ILE A 242 -0.62 -21.02 -13.72
N HIS A 243 -0.67 -19.78 -13.30
CA HIS A 243 -1.82 -18.96 -13.62
C HIS A 243 -2.02 -18.83 -15.12
N ALA A 244 -0.95 -18.53 -15.85
CA ALA A 244 -1.08 -18.41 -17.30
C ALA A 244 -1.70 -19.66 -17.90
N LEU A 245 -1.27 -20.83 -17.43
CA LEU A 245 -1.85 -22.07 -17.95
C LEU A 245 -3.30 -22.25 -17.52
N LEU A 246 -3.61 -22.02 -16.24
CA LEU A 246 -4.97 -22.19 -15.74
C LEU A 246 -5.94 -21.26 -16.46
N ALA A 247 -5.47 -20.05 -16.80
CA ALA A 247 -6.27 -19.04 -17.44
C ALA A 247 -6.47 -19.35 -18.92
N HIS A 248 -5.74 -20.33 -19.45
CA HIS A 248 -5.80 -20.70 -20.86
C HIS A 248 -5.91 -22.22 -20.94
N PRO A 249 -7.08 -22.77 -20.58
CA PRO A 249 -7.18 -24.24 -20.46
C PRO A 249 -6.84 -25.04 -21.72
N ASP A 250 -7.08 -24.49 -22.90
CA ASP A 250 -6.69 -25.20 -24.11
C ASP A 250 -5.17 -25.30 -24.23
N THR A 251 -4.47 -24.25 -23.79
CA THR A 251 -3.02 -24.32 -23.75
C THR A 251 -2.55 -25.26 -22.67
N LEU A 252 -3.19 -25.22 -21.48
CA LEU A 252 -2.80 -26.17 -20.45
C LEU A 252 -2.93 -27.60 -20.97
N ALA A 253 -4.03 -27.90 -21.66
CA ALA A 253 -4.20 -29.26 -22.19
C ALA A 253 -3.10 -29.61 -23.18
N ARG A 254 -2.71 -28.66 -24.04
CA ARG A 254 -1.64 -28.97 -25.00
C ARG A 254 -0.35 -29.29 -24.26
N VAL A 255 -0.03 -28.52 -23.22
CA VAL A 255 1.22 -28.72 -22.50
C VAL A 255 1.20 -30.03 -21.73
N ARG A 256 0.05 -30.40 -21.14
CA ARG A 256 0.00 -31.70 -20.49
C ARG A 256 0.23 -32.82 -21.49
N GLN A 257 -0.36 -32.72 -22.67
CA GLN A 257 -0.20 -33.81 -23.65
C GLN A 257 1.17 -33.82 -24.31
N ASP A 258 1.88 -32.70 -24.32
CA ASP A 258 3.21 -32.60 -24.90
C ASP A 258 4.09 -31.77 -23.98
N PRO A 259 4.70 -32.41 -22.99
CA PRO A 259 5.52 -31.64 -22.02
C PRO A 259 6.73 -30.96 -22.61
N SER A 260 7.10 -31.27 -23.86
CA SER A 260 8.17 -30.52 -24.51
C SER A 260 7.81 -29.06 -24.73
N LEU A 261 6.53 -28.70 -24.61
CA LEU A 261 6.07 -27.31 -24.69
C LEU A 261 6.31 -26.51 -23.41
N LEU A 262 6.78 -27.14 -22.33
CA LEU A 262 6.92 -26.42 -21.07
C LEU A 262 7.91 -25.27 -21.13
N PRO A 263 9.11 -25.41 -21.72
CA PRO A 263 9.99 -24.24 -21.81
C PRO A 263 9.33 -23.03 -22.45
N ALA A 264 8.58 -23.23 -23.54
CA ALA A 264 7.90 -22.11 -24.18
C ALA A 264 6.80 -21.53 -23.29
N ALA A 265 6.07 -22.38 -22.58
CA ALA A 265 5.05 -21.88 -21.67
C ALA A 265 5.67 -20.98 -20.61
N ILE A 266 6.85 -21.34 -20.12
CA ILE A 266 7.55 -20.56 -19.09
C ILE A 266 8.07 -19.24 -19.66
N GLU A 267 8.72 -19.28 -20.82
CA GLU A 267 9.27 -18.06 -21.40
C GLU A 267 8.16 -17.11 -21.81
N GLU A 268 7.10 -17.62 -22.45
CA GLU A 268 5.97 -16.74 -22.79
C GLU A 268 5.31 -16.20 -21.53
N GLY A 269 5.28 -17.00 -20.45
CA GLY A 269 4.73 -16.53 -19.20
C GLY A 269 5.51 -15.37 -18.59
N MET A 270 6.84 -15.39 -18.76
CA MET A 270 7.66 -14.30 -18.28
C MET A 270 7.37 -13.02 -19.03
N ARG A 271 7.01 -13.13 -20.33
CA ARG A 271 6.63 -11.97 -21.10
C ARG A 271 5.24 -11.49 -20.68
N TRP A 272 4.28 -12.42 -20.68
CA TRP A 272 2.87 -12.10 -20.50
C TRP A 272 2.57 -11.62 -19.08
N CYS A 273 3.23 -12.23 -18.10
CA CYS A 273 2.98 -11.93 -16.69
C CYS A 273 4.28 -11.98 -15.92
N PRO A 274 5.10 -10.95 -16.05
CA PRO A 274 6.39 -10.95 -15.37
C PRO A 274 6.21 -10.93 -13.86
N SER A 275 7.12 -11.59 -13.16
CA SER A 275 7.03 -11.69 -11.70
C SER A 275 7.86 -10.69 -10.93
N ILE A 276 8.71 -9.92 -11.59
CA ILE A 276 9.50 -8.86 -10.95
C ILE A 276 8.84 -7.50 -11.21
N PHE A 277 9.21 -6.52 -10.38
CA PHE A 277 8.77 -5.13 -10.60
C PHE A 277 9.65 -4.41 -11.62
N GLY A 278 10.86 -4.86 -11.81
CA GLY A 278 11.90 -4.08 -12.45
C GLY A 278 13.20 -4.38 -11.77
N VAL A 279 14.21 -3.58 -12.08
CA VAL A 279 15.59 -3.84 -11.67
C VAL A 279 16.26 -2.53 -11.27
N LEU A 280 16.85 -2.51 -10.09
CA LEU A 280 17.45 -1.28 -9.58
C LEU A 280 18.86 -1.06 -10.07
N ARG A 281 19.19 0.22 -10.27
CA ARG A 281 20.56 0.69 -10.47
C ARG A 281 20.72 2.02 -9.75
N MET A 282 21.97 2.34 -9.42
CA MET A 282 22.33 3.63 -8.85
C MET A 282 23.06 4.46 -9.89
N VAL A 283 22.57 5.67 -10.11
CA VAL A 283 23.22 6.64 -10.99
C VAL A 283 24.45 7.18 -10.26
N GLU A 284 25.63 6.98 -10.84
CA GLU A 284 26.88 7.32 -10.15
C GLU A 284 27.41 8.70 -10.51
N ARG A 285 26.89 9.33 -11.55
CA ARG A 285 27.28 10.68 -11.95
C ARG A 285 26.08 11.28 -12.67
N ASP A 286 26.01 12.61 -12.68
CA ASP A 286 24.98 13.28 -13.47
C ASP A 286 25.09 12.76 -14.90
N VAL A 287 23.94 12.39 -15.48
CA VAL A 287 23.92 11.77 -16.79
C VAL A 287 22.70 12.27 -17.56
N ARG A 288 22.82 12.33 -18.87
CA ARG A 288 21.72 12.73 -19.75
C ARG A 288 21.39 11.56 -20.65
N LEU A 289 20.10 11.24 -20.74
CA LEU A 289 19.60 10.21 -21.63
C LEU A 289 18.66 10.94 -22.57
N ASP A 290 19.14 11.23 -23.78
CA ASP A 290 18.45 12.10 -24.73
C ASP A 290 18.16 13.40 -24.00
N ASP A 291 16.91 13.85 -23.88
N ASP A 291 16.91 13.85 -23.88
CA ASP A 291 16.57 15.09 -23.20
CA ASP A 291 16.57 15.09 -23.20
C ASP A 291 16.29 14.88 -21.72
C ASP A 291 16.36 14.90 -21.71
N GLN A 292 16.48 13.67 -21.20
CA GLN A 292 16.27 13.39 -19.79
C GLN A 292 17.57 13.55 -19.02
N ALA A 293 17.45 14.00 -17.79
CA ALA A 293 18.59 14.18 -16.90
C ALA A 293 18.36 13.40 -15.61
N LEU A 294 19.39 12.68 -15.16
CA LEU A 294 19.39 12.03 -13.86
C LEU A 294 20.59 12.49 -13.07
N SER A 295 20.40 12.72 -11.77
CA SER A 295 21.44 13.25 -10.90
CA SER A 295 21.44 13.26 -10.91
C SER A 295 22.20 12.13 -10.20
N ALA A 296 23.49 12.36 -10.00
CA ALA A 296 24.36 11.48 -9.22
C ALA A 296 23.70 11.11 -7.90
N GLY A 297 23.72 9.83 -7.58
CA GLY A 297 23.17 9.33 -6.33
C GLY A 297 21.76 8.79 -6.43
N THR A 298 21.05 9.05 -7.52
CA THR A 298 19.67 8.64 -7.63
C THR A 298 19.61 7.14 -7.88
N VAL A 299 18.80 6.42 -7.08
CA VAL A 299 18.45 5.03 -7.39
C VAL A 299 17.25 5.06 -8.30
N VAL A 300 17.36 4.31 -9.40
CA VAL A 300 16.30 4.24 -10.40
C VAL A 300 15.90 2.78 -10.59
N CYS A 301 14.71 2.61 -11.14
CA CYS A 301 14.21 1.31 -11.56
C CYS A 301 14.24 1.22 -13.07
N LEU A 302 15.06 0.30 -13.58
CA LEU A 302 15.02 -0.05 -15.00
C LEU A 302 13.85 -0.99 -15.22
N ALA A 303 12.94 -0.62 -16.11
CA ALA A 303 11.78 -1.46 -16.42
C ALA A 303 11.90 -2.06 -17.82
N GLY A 304 12.87 -2.94 -17.99
CA GLY A 304 12.98 -3.66 -19.25
C GLY A 304 11.71 -4.44 -19.58
N ILE A 305 10.99 -4.89 -18.56
CA ILE A 305 9.71 -5.56 -18.75
C ILE A 305 8.65 -4.67 -19.40
N ALA A 306 8.87 -3.36 -19.52
CA ALA A 306 7.99 -2.53 -20.33
C ALA A 306 8.03 -2.92 -21.81
N GLY A 307 9.06 -3.63 -22.24
CA GLY A 307 9.10 -4.10 -23.61
C GLY A 307 8.31 -5.37 -23.84
N ASN A 308 7.82 -5.98 -22.77
CA ASN A 308 7.08 -7.22 -22.89
C ASN A 308 5.81 -7.03 -23.69
N TYR A 309 5.24 -5.84 -23.64
CA TYR A 309 4.00 -5.51 -24.29
C TYR A 309 4.19 -4.57 -25.46
N ASP A 310 5.43 -4.49 -25.97
CA ASP A 310 5.71 -3.76 -27.20
C ASP A 310 5.16 -4.58 -28.35
N GLU A 311 4.03 -4.13 -28.89
CA GLU A 311 3.31 -4.87 -29.92
C GLU A 311 4.08 -4.92 -31.24
N THR A 312 5.09 -4.06 -31.43
CA THR A 312 5.91 -4.17 -32.63
C THR A 312 6.80 -5.39 -32.56
N ALA A 313 7.18 -5.81 -31.35
CA ALA A 313 7.95 -7.02 -31.14
C ALA A 313 7.08 -8.25 -30.94
N TYR A 314 5.95 -8.10 -30.25
CA TYR A 314 5.10 -9.20 -29.83
C TYR A 314 3.65 -8.83 -30.15
N PRO A 315 3.19 -9.12 -31.36
CA PRO A 315 1.84 -8.71 -31.72
C PRO A 315 0.81 -9.34 -30.80
N SER A 316 -0.28 -8.61 -30.57
CA SER A 316 -1.33 -9.01 -29.64
C SER A 316 -0.71 -9.38 -28.30
N PRO A 317 0.01 -8.46 -27.66
CA PRO A 317 0.82 -8.84 -26.49
C PRO A 317 0.00 -9.30 -25.32
N GLU A 318 -1.29 -8.94 -25.27
CA GLU A 318 -2.14 -9.40 -24.18
C GLU A 318 -2.53 -10.86 -24.34
N VAL A 319 -2.24 -11.48 -25.48
CA VAL A 319 -2.51 -12.89 -25.69
C VAL A 319 -1.35 -13.71 -25.16
N TYR A 320 -1.66 -14.69 -24.34
CA TYR A 320 -0.68 -15.68 -23.87
C TYR A 320 -0.57 -16.72 -24.97
N ASP A 321 0.50 -16.65 -25.76
CA ASP A 321 0.66 -17.47 -26.98
C ASP A 321 1.99 -18.19 -26.88
N ILE A 322 1.93 -19.46 -26.46
CA ILE A 322 3.14 -20.24 -26.28
C ILE A 322 3.81 -20.61 -27.58
N ASP A 323 3.18 -20.29 -28.70
CA ASP A 323 3.71 -20.62 -30.01
C ASP A 323 4.54 -19.49 -30.62
N ARG A 324 4.72 -18.37 -29.93
CA ARG A 324 5.55 -17.28 -30.47
C ARG A 324 6.95 -17.80 -30.77
N LYS A 325 7.45 -17.49 -31.97
CA LYS A 325 8.78 -17.93 -32.36
C LYS A 325 9.49 -16.84 -33.13
N PRO A 326 10.74 -16.50 -32.73
CA PRO A 326 11.49 -17.07 -31.61
C PRO A 326 10.82 -16.71 -30.27
N LEU A 327 11.11 -17.48 -29.23
CA LEU A 327 10.50 -17.18 -27.94
C LEU A 327 10.95 -15.78 -27.49
N PRO A 328 10.08 -15.07 -26.77
CA PRO A 328 10.44 -13.72 -26.31
C PRO A 328 11.64 -13.76 -25.39
N ALA A 329 12.55 -12.81 -25.61
CA ALA A 329 13.70 -12.69 -24.73
C ALA A 329 13.26 -12.23 -23.34
N ALA A 330 13.73 -12.94 -22.34
CA ALA A 330 13.31 -12.67 -20.97
C ALA A 330 13.89 -11.38 -20.45
N ASN A 331 13.06 -10.55 -19.84
CA ASN A 331 13.44 -9.29 -19.20
C ASN A 331 13.37 -9.36 -17.68
N VAL A 332 12.99 -10.49 -17.12
CA VAL A 332 12.76 -10.61 -15.69
C VAL A 332 14.01 -10.97 -14.90
N PHE A 333 15.16 -11.15 -15.57
CA PHE A 333 16.40 -11.49 -14.89
C PHE A 333 17.40 -10.35 -14.94
N GLY A 334 16.99 -9.15 -15.34
CA GLY A 334 17.95 -8.05 -15.45
C GLY A 334 18.76 -8.13 -16.73
N GLY A 335 19.98 -7.63 -16.67
CA GLY A 335 20.73 -7.54 -17.91
C GLY A 335 22.17 -7.17 -17.65
N GLY A 336 22.94 -7.19 -18.72
CA GLY A 336 24.35 -6.92 -18.57
C GLY A 336 25.06 -7.91 -17.64
N ALA A 337 26.10 -7.42 -16.97
CA ALA A 337 26.94 -8.32 -16.20
C ALA A 337 26.22 -8.90 -14.99
N HIS A 338 25.16 -8.25 -14.51
CA HIS A 338 24.45 -8.67 -13.31
C HIS A 338 23.27 -9.60 -13.60
N PHE A 339 22.96 -9.89 -14.87
CA PHE A 339 21.86 -10.77 -15.22
C PHE A 339 21.85 -11.98 -14.30
N CYS A 340 20.68 -12.29 -13.74
CA CYS A 340 20.58 -13.26 -12.66
C CYS A 340 21.37 -14.53 -12.93
N VAL A 341 22.29 -14.84 -12.01
CA VAL A 341 23.08 -16.06 -12.14
C VAL A 341 22.26 -17.30 -11.81
N GLY A 342 21.16 -17.16 -11.04
CA GLY A 342 20.36 -18.31 -10.69
C GLY A 342 19.30 -18.71 -11.69
N ALA A 343 19.14 -17.96 -12.76
CA ALA A 343 18.09 -18.23 -13.74
C ALA A 343 18.01 -19.67 -14.20
N PRO A 344 19.11 -20.37 -14.46
CA PRO A 344 18.96 -21.77 -14.91
C PRO A 344 18.27 -22.66 -13.90
N LEU A 345 18.50 -22.45 -12.62
CA LEU A 345 17.83 -23.27 -11.61
C LEU A 345 16.34 -22.94 -11.55
N ALA A 346 16.01 -21.65 -11.58
CA ALA A 346 14.61 -21.25 -11.53
C ALA A 346 13.85 -21.81 -12.73
N ARG A 347 14.40 -21.69 -13.93
CA ARG A 347 13.75 -22.22 -15.12
C ARG A 347 13.56 -23.72 -15.03
N MET A 348 14.56 -24.44 -14.53
CA MET A 348 14.45 -25.89 -14.44
C MET A 348 13.40 -26.29 -13.41
N GLU A 349 13.33 -25.59 -12.28
CA GLU A 349 12.31 -25.93 -11.28
C GLU A 349 10.91 -25.71 -11.83
N ALA A 350 10.68 -24.60 -12.52
CA ALA A 350 9.37 -24.38 -13.10
C ALA A 350 9.00 -25.50 -14.05
N ARG A 351 9.94 -25.91 -14.91
CA ARG A 351 9.65 -26.94 -15.89
C ARG A 351 9.35 -28.27 -15.21
N VAL A 352 10.24 -28.70 -14.33
CA VAL A 352 10.11 -30.02 -13.72
C VAL A 352 8.91 -30.07 -12.79
N GLY A 353 8.67 -29.00 -12.03
CA GLY A 353 7.54 -28.98 -11.12
C GLY A 353 6.22 -28.97 -11.87
N LEU A 354 6.10 -28.16 -12.91
CA LEU A 354 4.87 -28.14 -13.70
CA LEU A 354 4.87 -28.14 -13.68
C LEU A 354 4.65 -29.46 -14.41
N GLN A 355 5.73 -30.08 -14.90
CA GLN A 355 5.61 -31.38 -15.55
C GLN A 355 4.98 -32.39 -14.59
N ALA A 356 5.46 -32.41 -13.36
CA ALA A 356 4.91 -33.32 -12.35
C ALA A 356 3.44 -33.00 -12.04
N LEU A 357 3.12 -31.72 -11.89
CA LEU A 357 1.76 -31.32 -11.53
C LEU A 357 0.78 -31.71 -12.63
N LEU A 358 1.08 -31.35 -13.87
CA LEU A 358 0.16 -31.63 -14.97
C LEU A 358 0.00 -33.13 -15.18
N ALA A 359 1.07 -33.90 -15.00
CA ALA A 359 0.94 -35.35 -15.20
C ALA A 359 0.11 -35.98 -14.09
N ARG A 360 0.23 -35.48 -12.86
CA ARG A 360 -0.45 -36.12 -11.75
C ARG A 360 -1.94 -35.85 -11.77
N PHE A 361 -2.36 -34.71 -12.32
CA PHE A 361 -3.74 -34.21 -12.23
C PHE A 361 -4.31 -33.86 -13.59
N PRO A 362 -4.76 -34.87 -14.35
CA PRO A 362 -5.44 -34.58 -15.63
C PRO A 362 -6.66 -33.68 -15.50
N GLY A 363 -7.29 -33.60 -14.33
CA GLY A 363 -8.46 -32.75 -14.11
C GLY A 363 -8.22 -31.32 -13.63
N LEU A 364 -6.98 -30.90 -13.52
CA LEU A 364 -6.63 -29.61 -12.93
C LEU A 364 -7.34 -28.43 -13.61
N ARG A 365 -8.03 -27.61 -12.83
CA ARG A 365 -8.67 -26.43 -13.39
C ARG A 365 -8.88 -25.38 -12.30
N ALA A 366 -8.91 -24.12 -12.68
CA ALA A 366 -9.15 -23.04 -11.76
C ALA A 366 -10.55 -23.17 -11.17
N VAL A 367 -10.69 -22.72 -9.95
CA VAL A 367 -11.97 -22.71 -9.31
C VAL A 367 -12.76 -21.58 -9.96
N PRO A 368 -13.94 -21.87 -10.47
CA PRO A 368 -14.72 -20.76 -11.06
C PRO A 368 -15.19 -19.84 -9.95
N GLU A 369 -15.24 -18.54 -10.27
CA GLU A 369 -15.78 -17.52 -9.38
C GLU A 369 -14.89 -17.22 -8.19
N GLU A 370 -13.64 -17.70 -8.17
CA GLU A 370 -12.66 -17.29 -7.15
C GLU A 370 -11.39 -16.87 -7.89
N ARG A 371 -11.50 -15.73 -8.53
CA ARG A 371 -10.46 -15.25 -9.42
C ARG A 371 -9.29 -14.66 -8.64
N PRO A 372 -8.06 -15.05 -8.97
CA PRO A 372 -6.89 -14.39 -8.37
C PRO A 372 -6.88 -12.91 -8.69
N SER A 373 -6.34 -12.15 -7.75
CA SER A 373 -6.01 -10.75 -7.96
C SER A 373 -4.49 -10.61 -8.04
N PHE A 374 -4.03 -9.87 -9.04
CA PHE A 374 -2.61 -9.64 -9.30
C PHE A 374 -2.23 -8.23 -8.92
N MET A 375 -1.09 -8.12 -8.23
CA MET A 375 -0.54 -6.83 -7.88
CA MET A 375 -0.52 -6.81 -7.92
C MET A 375 0.91 -7.00 -7.44
N TYR A 376 1.72 -5.97 -7.66
CA TYR A 376 2.97 -5.85 -6.94
C TYR A 376 2.72 -5.96 -5.45
N GLY A 377 3.57 -6.69 -4.76
CA GLY A 377 3.46 -6.77 -3.31
C GLY A 377 2.56 -7.87 -2.82
N ALA A 378 2.18 -8.80 -3.69
CA ALA A 378 1.35 -9.93 -3.28
C ALA A 378 1.96 -10.60 -2.07
N LYS A 379 1.12 -10.88 -1.07
CA LYS A 379 1.55 -11.55 0.17
C LYS A 379 2.73 -10.84 0.84
N ASP A 380 2.78 -9.53 0.67
CA ASP A 380 3.82 -8.67 1.27
C ASP A 380 5.21 -8.89 0.70
N SER A 381 5.27 -9.48 -0.48
CA SER A 381 6.49 -9.76 -1.24
C SER A 381 6.91 -8.52 -2.03
N VAL A 382 7.91 -8.71 -2.89
CA VAL A 382 8.34 -7.68 -3.84
C VAL A 382 8.10 -8.13 -5.27
N ALA A 383 7.17 -9.06 -5.47
CA ALA A 383 6.84 -9.63 -6.77
C ALA A 383 5.52 -9.10 -7.27
N HIS A 384 5.33 -9.14 -8.60
CA HIS A 384 4.01 -9.05 -9.21
C HIS A 384 3.50 -10.46 -9.36
N GLY A 385 2.42 -10.78 -8.63
CA GLY A 385 1.92 -12.12 -8.59
C GLY A 385 0.51 -12.18 -8.03
N PRO A 386 -0.04 -13.39 -8.01
CA PRO A 386 -1.43 -13.57 -7.53
C PRO A 386 -1.48 -13.65 -6.02
N ASP A 387 -2.68 -13.36 -5.49
CA ASP A 387 -2.93 -13.53 -4.07
C ASP A 387 -3.25 -14.98 -3.70
N LYS A 388 -3.68 -15.79 -4.67
CA LYS A 388 -4.06 -17.18 -4.46
C LYS A 388 -4.20 -17.82 -5.82
N LEU A 389 -4.11 -19.15 -5.86
CA LEU A 389 -4.33 -19.92 -7.09
C LEU A 389 -5.21 -21.12 -6.77
N PRO A 390 -6.48 -20.88 -6.46
CA PRO A 390 -7.36 -22.01 -6.10
C PRO A 390 -7.68 -22.86 -7.33
N VAL A 391 -7.58 -24.18 -7.14
CA VAL A 391 -7.84 -25.13 -8.20
C VAL A 391 -8.71 -26.28 -7.68
N LEU A 392 -9.39 -26.89 -8.64
CA LEU A 392 -10.05 -28.18 -8.45
C LEU A 392 -9.16 -29.22 -9.10
N LEU A 393 -8.84 -30.24 -8.38
CA LEU A 393 -7.94 -31.27 -8.79
C LEU A 393 -8.50 -32.47 -9.41
N HIS A 394 -9.71 -32.82 -9.03
CA HIS A 394 -10.32 -34.02 -9.59
C HIS A 394 -11.64 -33.67 -10.19
N ASP B 2 17.97 10.60 7.50
CA ASP B 2 17.92 12.05 7.68
C ASP B 2 17.04 12.42 8.88
N PHE B 3 16.05 11.59 9.18
CA PHE B 3 15.10 11.91 10.23
C PHE B 3 15.03 10.75 11.22
N PRO B 4 14.81 11.03 12.50
CA PRO B 4 14.60 9.94 13.46
C PRO B 4 13.36 9.13 13.09
N LEU B 5 13.41 7.84 13.36
CA LEU B 5 12.25 6.98 13.17
C LEU B 5 11.34 7.08 14.38
N ALA B 6 10.05 6.93 14.14
CA ALA B 6 9.02 7.11 15.16
C ALA B 6 7.85 6.20 14.82
N ASN B 7 7.02 5.93 15.83
CA ASN B 7 5.77 5.18 15.69
C ASN B 7 4.72 6.04 16.39
N LEU B 8 4.16 6.98 15.66
CA LEU B 8 3.29 7.99 16.23
C LEU B 8 1.82 7.60 16.25
N PHE B 9 1.40 6.68 15.40
CA PHE B 9 -0.02 6.51 15.14
C PHE B 9 -0.62 5.25 15.76
N PHE B 10 -0.03 4.10 15.51
CA PHE B 10 -0.64 2.83 15.92
C PHE B 10 -0.17 2.48 17.33
N VAL B 11 -0.65 3.29 18.28
CA VAL B 11 -0.26 3.14 19.68
C VAL B 11 -1.56 3.19 20.48
N PRO B 12 -2.02 2.11 21.08
CA PRO B 12 -3.30 2.16 21.78
C PRO B 12 -3.15 2.67 23.21
N SER B 13 -4.21 3.31 23.69
CA SER B 13 -4.25 3.87 25.03
C SER B 13 -5.70 4.05 25.45
N GLU B 14 -5.98 3.89 26.74
CA GLU B 14 -7.26 4.33 27.27
C GLU B 14 -7.28 5.84 27.56
N ASP B 15 -6.20 6.52 27.30
CA ASP B 15 -6.07 7.96 27.51
C ASP B 15 -6.22 8.67 26.16
N ALA B 16 -7.33 9.37 25.98
CA ALA B 16 -7.56 10.08 24.73
C ALA B 16 -6.53 11.16 24.45
N THR B 17 -5.80 11.64 25.47
CA THR B 17 -4.76 12.65 25.30
C THR B 17 -3.45 12.06 24.82
N ALA B 18 -3.32 10.73 24.78
CA ALA B 18 -2.01 10.15 24.50
C ALA B 18 -1.49 10.55 23.12
N PHE B 19 -2.38 10.55 22.11
CA PHE B 19 -1.97 10.89 20.75
C PHE B 19 -1.45 12.31 20.68
N GLY B 20 -2.24 13.28 21.16
CA GLY B 20 -1.80 14.67 21.13
C GLY B 20 -0.52 14.88 21.88
N ARG B 21 -0.37 14.24 23.06
CA ARG B 21 0.84 14.37 23.85
C ARG B 21 2.03 13.76 23.13
N ARG B 22 1.82 12.61 22.49
CA ARG B 22 2.89 11.93 21.76
C ARG B 22 3.38 12.78 20.60
N LEU B 23 2.47 13.43 19.89
CA LEU B 23 2.86 14.32 18.79
C LEU B 23 3.66 15.52 19.30
N ARG B 24 3.20 16.13 20.40
CA ARG B 24 3.93 17.26 20.97
C ARG B 24 5.32 16.83 21.43
N ALA B 25 5.41 15.70 22.12
CA ALA B 25 6.70 15.24 22.60
C ALA B 25 7.66 14.98 21.44
N ALA B 26 7.15 14.43 20.34
CA ALA B 26 8.01 14.20 19.19
C ALA B 26 8.46 15.53 18.59
N ALA B 27 7.56 16.50 18.52
CA ALA B 27 7.90 17.80 17.95
C ALA B 27 8.98 18.49 18.76
N GLN B 28 9.02 18.25 20.07
CA GLN B 28 10.06 18.84 20.90
C GLN B 28 11.43 18.22 20.65
N GLN B 29 11.49 16.98 20.15
CA GLN B 29 12.75 16.31 19.91
C GLN B 29 13.27 16.53 18.49
N ALA B 30 12.38 16.72 17.51
CA ALA B 30 12.80 16.86 16.12
C ALA B 30 11.66 17.47 15.33
N PRO B 31 11.95 18.30 14.32
CA PRO B 31 10.89 18.91 13.52
C PRO B 31 10.25 17.93 12.54
N ILE B 32 10.99 16.90 12.13
CA ILE B 32 10.50 15.92 11.17
C ILE B 32 10.96 14.54 11.64
N VAL B 33 10.03 13.60 11.69
CA VAL B 33 10.32 12.22 12.02
C VAL B 33 9.85 11.36 10.86
N PHE B 34 10.39 10.15 10.76
CA PHE B 34 9.96 9.21 9.72
C PHE B 34 9.14 8.15 10.41
N ASP B 35 7.85 8.06 10.06
CA ASP B 35 6.99 7.11 10.74
C ASP B 35 7.12 5.71 10.20
N THR B 36 7.33 4.75 11.10
CA THR B 36 7.60 3.38 10.65
C THR B 36 6.36 2.72 10.05
N ALA B 37 5.16 3.11 10.46
CA ALA B 37 3.95 2.53 9.91
C ALA B 37 3.45 3.26 8.67
N PHE B 38 3.50 4.59 8.69
CA PHE B 38 3.05 5.34 7.53
C PHE B 38 4.10 5.34 6.43
N GLY B 39 5.38 5.15 6.77
CA GLY B 39 6.39 5.00 5.75
C GLY B 39 6.71 6.31 5.09
N MET B 40 6.65 7.41 5.82
CA MET B 40 6.90 8.72 5.22
C MET B 40 7.33 9.70 6.30
N PRO B 41 7.91 10.83 5.90
CA PRO B 41 8.21 11.89 6.86
C PRO B 41 6.94 12.54 7.40
N ILE B 42 6.98 12.89 8.68
CA ILE B 42 5.91 13.57 9.39
C ILE B 42 6.47 14.92 9.83
N LEU B 43 5.88 16.00 9.35
CA LEU B 43 6.28 17.36 9.69
C LEU B 43 5.51 17.81 10.92
N LEU B 44 6.24 18.16 11.97
CA LEU B 44 5.66 18.47 13.27
C LEU B 44 5.78 19.94 13.65
N ARG B 45 6.60 20.73 12.98
CA ARG B 45 6.88 22.10 13.42
C ARG B 45 5.93 23.08 12.75
N LYS B 46 5.32 23.95 13.56
CA LYS B 46 4.25 24.79 13.05
C LYS B 46 4.68 25.64 11.87
N SER B 47 5.91 26.21 11.93
CA SER B 47 6.33 27.11 10.87
C SER B 47 6.51 26.38 9.56
N HIS B 48 7.02 25.14 9.62
CA HIS B 48 7.14 24.32 8.42
C HIS B 48 5.78 23.97 7.85
N ILE B 49 4.82 23.63 8.72
CA ILE B 49 3.48 23.28 8.27
C ILE B 49 2.81 24.48 7.61
N THR B 50 2.96 25.65 8.22
CA THR B 50 2.39 26.87 7.66
C THR B 50 3.00 27.18 6.30
N THR B 51 4.32 27.04 6.18
CA THR B 51 4.97 27.22 4.88
C THR B 51 4.42 26.24 3.87
N ALA B 52 4.30 24.98 4.27
CA ALA B 52 3.86 23.95 3.33
C ALA B 52 2.44 24.22 2.83
N TYR B 53 1.53 24.60 3.73
CA TYR B 53 0.15 24.86 3.33
C TYR B 53 0.08 25.98 2.30
N ARG B 54 0.93 26.99 2.44
CA ARG B 54 0.85 28.16 1.58
C ARG B 54 1.44 27.87 0.20
N ASP B 55 2.55 27.14 0.15
CA ASP B 55 3.33 26.99 -1.07
C ASP B 55 2.91 25.72 -1.80
N THR B 56 1.79 25.82 -2.52
CA THR B 56 1.23 24.65 -3.21
C THR B 56 2.05 24.22 -4.41
N ALA B 57 2.90 25.10 -4.94
CA ALA B 57 3.77 24.68 -6.02
C ALA B 57 4.85 23.73 -5.55
N THR B 58 5.30 23.88 -4.30
CA THR B 58 6.28 22.97 -3.71
C THR B 58 5.63 21.81 -2.97
N PHE B 59 4.48 22.05 -2.34
CA PHE B 59 3.77 21.02 -1.57
C PHE B 59 2.38 20.88 -2.19
N SER B 60 2.22 19.88 -3.06
CA SER B 60 0.99 19.70 -3.81
C SER B 60 0.14 18.59 -3.20
N THR B 61 -0.97 18.31 -3.83
CA THR B 61 -1.79 17.17 -3.47
C THR B 61 -1.79 16.12 -4.58
N ARG B 62 -0.77 16.16 -5.41
CA ARG B 62 -0.67 15.23 -6.53
C ARG B 62 -0.52 13.75 -6.16
N MET B 63 -0.19 13.46 -4.93
CA MET B 63 -0.13 12.09 -4.49
C MET B 63 -1.51 11.43 -4.65
N PHE B 64 -2.59 12.21 -4.62
CA PHE B 64 -3.91 11.63 -4.79
C PHE B 64 -4.16 11.17 -6.23
N GLN B 65 -3.29 11.53 -7.16
CA GLN B 65 -3.43 10.99 -8.50
C GLN B 65 -3.04 9.50 -8.55
N ALA B 66 -2.42 8.97 -7.50
CA ALA B 66 -1.96 7.59 -7.42
C ALA B 66 -2.98 6.63 -6.79
N GLY B 67 -4.20 7.08 -6.54
CA GLY B 67 -5.18 6.22 -5.92
C GLY B 67 -6.60 6.55 -6.31
N ILE B 68 -7.56 6.13 -5.48
CA ILE B 68 -8.96 6.18 -5.87
C ILE B 68 -9.52 7.59 -5.91
N LEU B 69 -8.85 8.58 -5.32
CA LEU B 69 -9.29 9.96 -5.44
C LEU B 69 -8.83 10.60 -6.75
N ASN B 70 -8.12 9.89 -7.60
CA ASN B 70 -7.73 10.50 -8.85
C ASN B 70 -8.97 10.88 -9.65
N GLY B 71 -9.01 12.10 -10.15
CA GLY B 71 -10.18 12.62 -10.82
C GLY B 71 -11.09 13.44 -9.94
N GLY B 72 -10.89 13.42 -8.63
CA GLY B 72 -11.69 14.21 -7.73
C GLY B 72 -11.02 15.54 -7.41
N LEU B 73 -11.71 16.29 -6.55
CA LEU B 73 -11.28 17.64 -6.18
C LEU B 73 -9.92 17.66 -5.51
N ALA B 74 -9.73 16.79 -4.51
CA ALA B 74 -8.51 16.85 -3.71
C ALA B 74 -7.26 16.63 -4.56
N ALA B 75 -7.37 15.87 -5.65
CA ALA B 75 -6.23 15.57 -6.50
C ALA B 75 -5.90 16.69 -7.48
N MET B 76 -6.78 17.67 -7.64
CA MET B 76 -6.56 18.77 -8.56
C MET B 76 -5.61 19.80 -7.97
N GLN B 77 -4.87 20.47 -8.86
CA GLN B 77 -3.97 21.55 -8.52
C GLN B 77 -4.39 22.84 -9.22
N GLY B 78 -3.90 23.96 -8.70
CA GLY B 78 -3.93 25.20 -9.46
C GLY B 78 -5.30 25.62 -9.90
N ASP B 79 -5.39 26.04 -11.16
CA ASP B 79 -6.65 26.60 -11.67
C ASP B 79 -7.74 25.54 -11.78
N GLU B 80 -7.38 24.31 -12.15
CA GLU B 80 -8.37 23.25 -12.19
C GLU B 80 -9.01 23.07 -10.82
N HIS B 81 -8.18 23.00 -9.78
CA HIS B 81 -8.67 22.91 -8.42
C HIS B 81 -9.56 24.10 -8.08
N ALA B 82 -9.11 25.31 -8.41
CA ALA B 82 -9.88 26.50 -8.01
C ALA B 82 -11.27 26.49 -8.64
N ARG B 83 -11.35 26.09 -9.90
CA ARG B 83 -12.63 26.04 -10.61
C ARG B 83 -13.59 25.04 -9.99
N MET B 84 -13.11 23.82 -9.70
CA MET B 84 -13.99 22.84 -9.08
C MET B 84 -14.30 23.20 -7.63
N ARG B 85 -13.32 23.78 -6.94
CA ARG B 85 -13.55 24.20 -5.56
C ARG B 85 -14.69 25.21 -5.49
N ARG B 86 -14.78 26.12 -6.46
CA ARG B 86 -15.87 27.10 -6.44
C ARG B 86 -17.22 26.41 -6.54
N VAL B 87 -17.32 25.30 -7.28
CA VAL B 87 -18.56 24.56 -7.35
C VAL B 87 -18.88 23.91 -6.00
N TYR B 88 -17.94 23.15 -5.44
CA TYR B 88 -18.18 22.55 -4.14
C TYR B 88 -18.55 23.61 -3.11
N ASN B 89 -17.85 24.76 -3.15
CA ASN B 89 -18.02 25.78 -2.11
C ASN B 89 -19.47 26.24 -2.01
N MET B 90 -20.16 26.33 -3.15
CA MET B 90 -21.53 26.82 -3.14
C MET B 90 -22.40 26.01 -2.20
N PHE B 91 -22.14 24.72 -2.07
CA PHE B 91 -23.00 23.85 -1.30
C PHE B 91 -22.68 23.86 0.18
N PHE B 92 -21.66 24.59 0.59
CA PHE B 92 -21.30 24.65 1.99
C PHE B 92 -21.21 26.08 2.51
N LEU B 93 -21.83 27.02 1.80
CA LEU B 93 -21.91 28.39 2.29
C LEU B 93 -22.76 28.45 3.56
N PRO B 94 -22.58 29.49 4.38
CA PRO B 94 -23.31 29.54 5.64
C PRO B 94 -24.82 29.40 5.53
N ARG B 95 -25.46 30.06 4.57
CA ARG B 95 -26.90 29.97 4.45
C ARG B 95 -27.34 28.58 4.02
N ALA B 96 -26.56 27.92 3.16
CA ALA B 96 -26.87 26.55 2.78
C ALA B 96 -26.83 25.63 3.99
N VAL B 97 -25.81 25.80 4.84
CA VAL B 97 -25.68 24.99 6.03
C VAL B 97 -26.86 25.19 6.95
N SER B 98 -27.33 26.44 7.12
CA SER B 98 -28.51 26.67 7.95
CA SER B 98 -28.50 26.66 7.97
C SER B 98 -29.72 25.98 7.38
N GLN B 99 -29.82 25.94 6.04
CA GLN B 99 -30.93 25.23 5.41
C GLN B 99 -30.85 23.74 5.68
N TYR B 100 -29.65 23.17 5.60
CA TYR B 100 -29.52 21.74 5.92
C TYR B 100 -29.90 21.47 7.37
N GLU B 101 -29.51 22.37 8.27
CA GLU B 101 -29.81 22.19 9.68
C GLU B 101 -31.32 22.11 9.91
N GLU B 102 -32.06 23.05 9.33
CA GLU B 102 -33.49 23.12 9.57
C GLU B 102 -34.23 22.02 8.85
N ARG B 103 -33.86 21.75 7.60
CA ARG B 103 -34.63 20.85 6.78
C ARG B 103 -34.35 19.39 7.10
N PHE B 104 -33.13 19.03 7.48
CA PHE B 104 -32.95 17.62 7.79
C PHE B 104 -31.98 17.26 8.89
N VAL B 105 -30.93 18.04 9.22
CA VAL B 105 -30.07 17.58 10.30
C VAL B 105 -30.81 17.55 11.64
N ARG B 106 -31.59 18.59 11.95
CA ARG B 106 -32.34 18.56 13.21
C ARG B 106 -33.37 17.44 13.23
N PRO B 107 -34.22 17.28 12.22
CA PRO B 107 -35.16 16.14 12.25
C PRO B 107 -34.48 14.80 12.33
N ILE B 108 -33.41 14.59 11.56
CA ILE B 108 -32.72 13.30 11.61
C ILE B 108 -32.12 13.08 12.99
N SER B 109 -31.55 14.12 13.60
CA SER B 109 -30.98 13.97 14.93
C SER B 109 -32.03 13.47 15.93
N GLU B 110 -33.23 14.03 15.86
CA GLU B 110 -34.30 13.58 16.76
C GLU B 110 -34.68 12.14 16.49
N GLN B 111 -34.71 11.73 15.22
CA GLN B 111 -35.01 10.34 14.90
C GLN B 111 -33.94 9.40 15.42
N VAL B 112 -32.66 9.77 15.26
CA VAL B 112 -31.58 8.93 15.76
C VAL B 112 -31.70 8.77 17.27
N VAL B 113 -31.97 9.87 17.97
CA VAL B 113 -32.10 9.82 19.42
C VAL B 113 -33.35 9.03 19.82
N ASP B 114 -34.42 9.13 19.02
CA ASP B 114 -35.62 8.31 19.26
C ASP B 114 -35.31 6.82 19.31
N ARG B 115 -34.46 6.36 18.41
CA ARG B 115 -34.13 4.94 18.37
C ARG B 115 -33.32 4.47 19.58
N LEU B 116 -32.73 5.38 20.34
CA LEU B 116 -32.03 5.00 21.56
C LEU B 116 -32.99 4.74 22.72
N ALA B 117 -34.27 5.04 22.55
CA ALA B 117 -35.25 4.92 23.62
C ALA B 117 -35.53 3.45 23.93
N GLY B 118 -35.93 3.20 25.18
CA GLY B 118 -36.24 1.86 25.61
C GLY B 118 -35.05 1.02 26.01
N LYS B 119 -33.85 1.58 26.04
CA LYS B 119 -32.65 0.83 26.38
C LYS B 119 -31.97 1.45 27.60
N PRO B 120 -31.53 0.64 28.57
CA PRO B 120 -30.74 1.22 29.67
C PRO B 120 -29.34 1.62 29.25
N ARG B 121 -28.76 0.94 28.26
CA ARG B 121 -27.41 1.27 27.82
C ARG B 121 -27.27 1.02 26.32
N VAL B 122 -26.46 1.87 25.69
CA VAL B 122 -26.19 1.80 24.26
C VAL B 122 -24.72 2.15 24.04
N ASP B 123 -24.27 1.89 22.83
CA ASP B 123 -22.94 2.32 22.36
C ASP B 123 -23.14 3.55 21.47
N LEU B 124 -22.77 4.72 21.97
CA LEU B 124 -22.97 5.93 21.17
C LEU B 124 -22.08 5.98 19.94
N LEU B 125 -21.04 5.15 19.84
CA LEU B 125 -20.28 5.13 18.61
C LEU B 125 -21.12 4.56 17.47
N GLU B 126 -21.52 3.30 17.58
CA GLU B 126 -22.31 2.68 16.52
C GLU B 126 -23.72 3.24 16.43
N ASP B 127 -24.32 3.57 17.57
CA ASP B 127 -25.76 3.86 17.59
C ASP B 127 -26.08 5.34 17.45
N PHE B 128 -25.09 6.21 17.45
CA PHE B 128 -25.33 7.65 17.35
C PHE B 128 -24.30 8.32 16.44
N ALA B 129 -23.00 8.24 16.78
CA ALA B 129 -21.97 8.94 16.03
C ALA B 129 -21.91 8.49 14.59
N MET B 130 -22.10 7.20 14.36
CA MET B 130 -22.11 6.67 12.99
CA MET B 130 -22.10 6.67 12.99
C MET B 130 -23.49 6.83 12.34
N GLU B 131 -24.55 6.70 13.13
CA GLU B 131 -25.89 6.71 12.57
C GLU B 131 -26.27 8.06 12.02
N LEU B 132 -26.01 9.14 12.75
CA LEU B 132 -26.47 10.45 12.33
C LEU B 132 -25.84 10.87 11.00
N PRO B 133 -24.53 10.88 10.82
CA PRO B 133 -23.97 11.31 9.54
C PRO B 133 -24.38 10.41 8.40
N ARG B 134 -24.53 9.11 8.64
CA ARG B 134 -24.97 8.19 7.61
C ARG B 134 -26.35 8.58 7.11
N ARG B 135 -27.26 8.85 8.05
CA ARG B 135 -28.62 9.22 7.67
C ARG B 135 -28.67 10.57 6.96
N VAL B 136 -27.81 11.53 7.33
CA VAL B 136 -27.77 12.79 6.62
C VAL B 136 -27.34 12.57 5.18
N ILE B 137 -26.30 11.77 4.95
CA ILE B 137 -25.88 11.52 3.58
C ILE B 137 -26.97 10.78 2.82
N GLY B 138 -27.64 9.82 3.46
CA GLY B 138 -28.75 9.17 2.81
C GLY B 138 -29.79 10.18 2.34
N GLU B 139 -30.08 11.18 3.17
CA GLU B 139 -31.03 12.22 2.78
C GLU B 139 -30.50 13.05 1.62
N LEU B 140 -29.19 13.38 1.63
CA LEU B 140 -28.64 14.17 0.53
C LEU B 140 -28.72 13.42 -0.79
N PHE B 141 -28.57 12.09 -0.75
CA PHE B 141 -28.61 11.25 -1.92
C PHE B 141 -30.03 10.83 -2.32
N GLY B 142 -30.99 10.93 -1.42
CA GLY B 142 -32.30 10.33 -1.63
C GLY B 142 -32.29 8.83 -1.58
N PHE B 143 -31.38 8.23 -0.83
CA PHE B 143 -31.30 6.78 -0.74
C PHE B 143 -31.30 6.33 0.71
N PRO B 144 -31.77 5.12 0.99
CA PRO B 144 -31.86 4.66 2.38
C PRO B 144 -30.50 4.56 3.04
N ALA B 145 -30.44 5.01 4.28
CA ALA B 145 -29.19 4.91 5.04
C ALA B 145 -28.69 3.48 5.13
N GLU B 146 -29.61 2.51 5.12
CA GLU B 146 -29.19 1.11 5.21
C GLU B 146 -28.30 0.72 4.02
N LYS B 147 -28.54 1.32 2.85
CA LYS B 147 -27.70 1.03 1.69
C LYS B 147 -26.27 1.52 1.92
N LEU B 148 -26.10 2.64 2.62
CA LEU B 148 -24.76 3.10 2.96
C LEU B 148 -24.16 2.26 4.08
N HIS B 149 -24.96 1.83 5.05
CA HIS B 149 -24.45 1.01 6.13
C HIS B 149 -23.78 -0.25 5.58
N GLU B 150 -24.34 -0.81 4.50
CA GLU B 150 -23.82 -2.03 3.89
C GLU B 150 -22.42 -1.83 3.32
N THR B 151 -22.00 -0.59 3.09
CA THR B 151 -20.68 -0.32 2.52
C THR B 151 -19.60 -0.07 3.56
N ASP B 152 -19.89 -0.16 4.86
CA ASP B 152 -18.93 0.26 5.88
C ASP B 152 -17.54 -0.35 5.69
N GLU B 153 -17.45 -1.67 5.54
CA GLU B 153 -16.14 -2.30 5.41
C GLU B 153 -15.42 -1.76 4.18
N ARG B 154 -16.17 -1.58 3.09
CA ARG B 154 -15.56 -1.06 1.86
C ARG B 154 -15.11 0.39 2.03
N VAL B 155 -15.89 1.20 2.74
CA VAL B 155 -15.52 2.59 3.00
C VAL B 155 -14.20 2.68 3.74
N ARG B 156 -14.04 1.90 4.78
CA ARG B 156 -12.82 1.93 5.55
C ARG B 156 -11.62 1.37 4.77
N ALA B 157 -11.87 0.32 3.99
CA ALA B 157 -10.81 -0.19 3.13
C ALA B 157 -10.39 0.87 2.10
N MET B 158 -11.35 1.59 1.54
CA MET B 158 -11.00 2.67 0.63
C MET B 158 -10.08 3.69 1.30
N LEU B 159 -10.45 4.09 2.52
CA LEU B 159 -9.72 5.13 3.22
C LEU B 159 -8.31 4.72 3.63
N ARG B 160 -8.11 3.48 4.09
CA ARG B 160 -6.82 3.12 4.63
C ARG B 160 -5.71 3.29 3.60
N GLY B 161 -5.99 2.98 2.34
CA GLY B 161 -4.98 3.12 1.31
C GLY B 161 -4.75 4.53 0.86
N LEU B 162 -5.62 5.47 1.24
CA LEU B 162 -5.37 6.86 0.91
C LEU B 162 -4.48 7.54 1.93
N VAL B 163 -4.20 6.88 3.04
CA VAL B 163 -3.28 7.38 4.04
C VAL B 163 -1.96 6.65 3.87
N ARG B 164 -1.97 5.32 4.06
CA ARG B 164 -0.74 4.52 3.98
C ARG B 164 -0.53 4.13 2.53
N MET B 165 -0.25 5.15 1.75
CA MET B 165 -0.30 5.02 0.30
CA MET B 165 -0.30 5.03 0.30
C MET B 165 0.97 4.44 -0.30
N HIS B 166 1.97 4.09 0.53
CA HIS B 166 3.11 3.29 0.12
C HIS B 166 2.96 1.83 0.52
N ASP B 167 1.86 1.43 1.17
CA ASP B 167 1.68 0.06 1.59
C ASP B 167 0.92 -0.70 0.51
N PRO B 168 1.53 -1.69 -0.16
CA PRO B 168 0.80 -2.38 -1.25
C PRO B 168 -0.51 -2.99 -0.80
N ALA B 169 -0.58 -3.60 0.39
CA ALA B 169 -1.82 -4.25 0.80
C ALA B 169 -2.93 -3.23 0.99
N ALA B 170 -2.63 -2.13 1.68
CA ALA B 170 -3.64 -1.11 1.91
C ALA B 170 -4.10 -0.47 0.60
N VAL B 171 -3.16 -0.18 -0.29
CA VAL B 171 -3.54 0.44 -1.55
C VAL B 171 -4.35 -0.53 -2.41
N ALA B 172 -3.92 -1.78 -2.48
CA ALA B 172 -4.68 -2.75 -3.27
C ALA B 172 -6.09 -2.91 -2.73
N GLU B 173 -6.25 -2.99 -1.40
CA GLU B 173 -7.57 -3.16 -0.84
C GLU B 173 -8.43 -1.91 -1.03
N SER B 174 -7.81 -0.73 -1.05
CA SER B 174 -8.52 0.51 -1.32
C SER B 174 -9.10 0.50 -2.74
N GLN B 175 -8.26 0.17 -3.72
CA GLN B 175 -8.70 0.07 -5.10
C GLN B 175 -9.76 -1.00 -5.29
N ARG B 176 -9.58 -2.18 -4.68
CA ARG B 176 -10.58 -3.23 -4.84
C ARG B 176 -11.91 -2.81 -4.24
N ALA B 177 -11.86 -2.23 -3.04
CA ALA B 177 -13.09 -1.80 -2.38
C ALA B 177 -13.82 -0.73 -3.19
N TYR B 178 -13.09 0.18 -3.82
CA TYR B 178 -13.74 1.16 -4.69
C TYR B 178 -14.43 0.45 -5.84
N GLY B 179 -13.73 -0.50 -6.49
CA GLY B 179 -14.36 -1.26 -7.55
C GLY B 179 -15.63 -1.94 -7.10
N GLU B 180 -15.65 -2.44 -5.87
CA GLU B 180 -16.79 -3.15 -5.31
C GLU B 180 -17.90 -2.21 -4.84
N THR B 181 -17.67 -0.90 -4.89
CA THR B 181 -18.66 0.10 -4.53
C THR B 181 -19.13 0.88 -5.75
N LEU B 182 -18.52 0.65 -6.90
CA LEU B 182 -18.82 1.46 -8.06
C LEU B 182 -20.24 1.24 -8.58
N GLY B 183 -20.76 0.01 -8.48
CA GLY B 183 -22.14 -0.21 -8.88
C GLY B 183 -23.11 0.66 -8.10
N LEU B 184 -22.93 0.73 -6.80
CA LEU B 184 -23.76 1.59 -5.95
C LEU B 184 -23.59 3.06 -6.33
N ILE B 185 -22.34 3.51 -6.46
CA ILE B 185 -22.11 4.91 -6.78
C ILE B 185 -22.73 5.25 -8.12
N THR B 186 -22.59 4.36 -9.10
CA THR B 186 -23.16 4.59 -10.42
C THR B 186 -24.68 4.66 -10.33
N GLU B 187 -25.31 3.79 -9.53
CA GLU B 187 -26.75 3.82 -9.39
C GLU B 187 -27.23 5.16 -8.81
N VAL B 188 -26.53 5.65 -7.79
CA VAL B 188 -26.89 6.90 -7.14
C VAL B 188 -26.73 8.07 -8.12
N VAL B 189 -25.59 8.11 -8.82
CA VAL B 189 -25.36 9.17 -9.80
C VAL B 189 -26.44 9.13 -10.87
N GLU B 190 -26.74 7.94 -11.40
CA GLU B 190 -27.67 7.88 -12.51
C GLU B 190 -29.02 8.41 -12.09
N ARG B 191 -29.49 8.01 -10.91
CA ARG B 191 -30.83 8.40 -10.52
C ARG B 191 -30.90 9.90 -10.24
N GLU B 192 -29.88 10.45 -9.58
CA GLU B 192 -29.91 11.85 -9.22
C GLU B 192 -29.47 12.76 -10.35
N SER B 193 -29.01 12.21 -11.46
CA SER B 193 -28.71 12.99 -12.65
CA SER B 193 -28.71 12.99 -12.65
C SER B 193 -29.93 13.21 -13.53
N ARG B 194 -31.01 12.50 -13.29
CA ARG B 194 -32.24 12.66 -14.08
C ARG B 194 -32.94 13.96 -13.71
N ASP B 195 -33.73 14.49 -14.65
CA ASP B 195 -34.47 15.72 -14.42
C ASP B 195 -35.50 15.58 -13.32
N THR B 196 -35.86 14.36 -12.93
CA THR B 196 -36.78 14.14 -11.83
C THR B 196 -36.10 14.18 -10.46
N SER B 197 -34.80 14.44 -10.38
CA SER B 197 -34.17 14.44 -9.08
C SER B 197 -34.63 15.64 -8.27
N ASP B 198 -34.92 15.41 -7.00
CA ASP B 198 -35.26 16.48 -6.09
C ASP B 198 -34.41 16.41 -4.83
N THR B 199 -33.16 15.98 -4.95
CA THR B 199 -32.26 15.85 -3.81
C THR B 199 -31.17 16.90 -3.90
N LEU B 200 -30.49 17.10 -2.77
CA LEU B 200 -29.33 17.98 -2.78
C LEU B 200 -28.28 17.46 -3.77
N LEU B 201 -28.05 16.15 -3.80
CA LEU B 201 -27.10 15.64 -4.79
C LEU B 201 -27.55 16.01 -6.20
N GLY B 202 -28.83 15.90 -6.48
CA GLY B 202 -29.30 16.31 -7.80
C GLY B 202 -28.98 17.75 -8.11
N GLU B 203 -29.08 18.63 -7.10
CA GLU B 203 -28.69 20.03 -7.31
C GLU B 203 -27.21 20.15 -7.60
N ILE B 204 -26.36 19.41 -6.89
CA ILE B 204 -24.93 19.47 -7.16
C ILE B 204 -24.66 19.04 -8.60
N LEU B 205 -25.27 17.93 -9.02
CA LEU B 205 -25.01 17.46 -10.38
C LEU B 205 -25.53 18.44 -11.42
N ARG B 206 -26.65 19.11 -11.16
CA ARG B 206 -27.15 20.14 -12.06
C ARG B 206 -26.16 21.28 -12.19
N THR B 207 -25.55 21.68 -11.08
CA THR B 207 -24.55 22.73 -11.11
C THR B 207 -23.32 22.30 -11.91
N LEU B 208 -22.84 21.08 -11.67
CA LEU B 208 -21.75 20.55 -12.48
C LEU B 208 -22.13 20.56 -13.96
N LYS B 209 -23.36 20.16 -14.29
CA LYS B 209 -23.81 20.10 -15.66
C LYS B 209 -23.83 21.50 -16.29
N ALA B 210 -24.26 22.50 -15.52
CA ALA B 210 -24.27 23.86 -16.04
C ALA B 210 -22.86 24.34 -16.36
N GLU B 211 -21.85 23.83 -15.65
CA GLU B 211 -20.46 24.18 -15.89
C GLU B 211 -19.80 23.24 -16.89
N HIS B 212 -20.58 22.33 -17.47
CA HIS B 212 -20.06 21.32 -18.37
C HIS B 212 -18.97 20.52 -17.68
N MET B 213 -19.18 20.25 -16.38
CA MET B 213 -18.21 19.51 -15.59
C MET B 213 -18.76 18.18 -15.09
N ASP B 214 -19.95 17.79 -15.55
CA ASP B 214 -20.60 16.59 -15.04
C ASP B 214 -20.16 15.38 -15.86
N THR B 215 -18.85 15.14 -15.81
CA THR B 215 -18.31 13.92 -16.39
C THR B 215 -18.64 12.74 -15.50
N ILE B 216 -18.45 11.55 -16.06
CA ILE B 216 -18.63 10.33 -15.28
C ILE B 216 -17.80 10.40 -14.01
N GLU B 217 -16.52 10.75 -14.15
CA GLU B 217 -15.60 10.74 -13.03
C GLU B 217 -15.92 11.82 -12.02
N ALA B 218 -16.22 13.05 -12.46
CA ALA B 218 -16.54 14.10 -11.51
C ALA B 218 -17.76 13.75 -10.69
N SER B 219 -18.76 13.15 -11.34
CA SER B 219 -20.01 12.81 -10.66
C SER B 219 -19.78 11.71 -9.65
N ARG B 220 -19.01 10.70 -10.02
CA ARG B 220 -18.66 9.64 -9.09
C ARG B 220 -17.87 10.18 -7.91
N GLN B 221 -16.97 11.13 -8.16
CA GLN B 221 -16.10 11.64 -7.12
C GLN B 221 -16.84 12.51 -6.12
N ILE B 222 -17.84 13.27 -6.54
CA ILE B 222 -18.57 14.00 -5.51
C ILE B 222 -19.37 13.04 -4.62
N VAL B 223 -19.99 12.00 -5.20
CA VAL B 223 -20.64 10.99 -4.36
C VAL B 223 -19.65 10.34 -3.42
N LEU B 224 -18.47 10.00 -3.93
CA LEU B 224 -17.45 9.37 -3.11
C LEU B 224 -17.02 10.28 -1.94
N SER B 225 -16.86 11.58 -2.20
N SER B 225 -16.85 11.58 -2.20
CA SER B 225 -16.49 12.51 -1.13
CA SER B 225 -16.49 12.51 -1.13
C SER B 225 -17.58 12.60 -0.06
C SER B 225 -17.58 12.59 -0.06
N LEU B 226 -18.84 12.60 -0.49
CA LEU B 226 -19.94 12.69 0.45
C LEU B 226 -20.04 11.41 1.30
N ILE B 227 -19.66 10.27 0.77
CA ILE B 227 -19.60 9.04 1.57
C ILE B 227 -18.40 9.06 2.50
N LEU B 228 -17.21 9.24 1.95
CA LEU B 228 -16.00 9.07 2.76
C LEU B 228 -15.83 10.21 3.76
N GLY B 229 -16.08 11.44 3.34
CA GLY B 229 -16.05 12.60 4.24
C GLY B 229 -17.36 12.82 4.97
N GLY B 230 -18.44 12.91 4.20
CA GLY B 230 -19.71 13.27 4.79
C GLY B 230 -20.23 12.28 5.80
N TYR B 231 -20.05 11.00 5.55
CA TYR B 231 -20.48 9.96 6.49
C TYR B 231 -19.33 9.59 7.43
N GLU B 232 -18.32 8.93 6.89
CA GLU B 232 -17.36 8.25 7.75
C GLU B 232 -16.54 9.25 8.58
N THR B 233 -15.98 10.26 7.92
CA THR B 233 -15.06 11.14 8.64
C THR B 233 -15.81 11.97 9.68
N THR B 234 -17.02 12.42 9.34
CA THR B 234 -17.83 13.18 10.29
C THR B 234 -18.14 12.35 11.53
N SER B 235 -18.35 11.05 11.39
CA SER B 235 -18.70 10.22 12.54
C SER B 235 -17.67 10.34 13.63
N TRP B 236 -16.38 10.40 13.28
CA TRP B 236 -15.33 10.42 14.29
C TRP B 236 -15.25 11.74 15.00
N LEU B 237 -15.59 12.84 14.33
CA LEU B 237 -15.69 14.11 15.04
C LEU B 237 -16.77 14.04 16.10
N VAL B 238 -17.93 13.50 15.73
CA VAL B 238 -19.01 13.36 16.69
C VAL B 238 -18.58 12.47 17.84
N ALA B 239 -17.97 11.33 17.53
CA ALA B 239 -17.54 10.39 18.56
C ALA B 239 -16.58 11.02 19.54
N ASN B 240 -15.57 11.74 19.05
CA ASN B 240 -14.56 12.29 19.95
C ASN B 240 -15.14 13.42 20.79
N THR B 241 -16.09 14.19 20.25
CA THR B 241 -16.73 15.20 21.07
C THR B 241 -17.53 14.55 22.18
N ILE B 242 -18.26 13.49 21.85
CA ILE B 242 -19.03 12.76 22.86
C ILE B 242 -18.11 12.27 23.95
N HIS B 243 -17.01 11.63 23.60
CA HIS B 243 -16.10 11.14 24.62
C HIS B 243 -15.61 12.26 25.51
N ALA B 244 -15.19 13.38 24.92
CA ALA B 244 -14.70 14.48 25.73
C ALA B 244 -15.75 14.91 26.75
N LEU B 245 -17.01 15.00 26.34
CA LEU B 245 -18.06 15.39 27.28
C LEU B 245 -18.32 14.30 28.33
N LEU B 246 -18.40 13.05 27.92
CA LEU B 246 -18.64 11.96 28.86
C LEU B 246 -17.51 11.87 29.88
N ALA B 247 -16.28 12.14 29.45
CA ALA B 247 -15.13 12.05 30.32
C ALA B 247 -15.05 13.21 31.28
N HIS B 248 -15.85 14.25 31.08
CA HIS B 248 -15.83 15.45 31.90
C HIS B 248 -17.26 15.79 32.30
N PRO B 249 -17.85 14.98 33.20
CA PRO B 249 -19.30 15.11 33.47
C PRO B 249 -19.72 16.49 33.96
N ASP B 250 -18.84 17.25 34.62
CA ASP B 250 -19.23 18.59 35.03
C ASP B 250 -19.37 19.51 33.83
N THR B 251 -18.51 19.32 32.81
CA THR B 251 -18.68 20.08 31.57
C THR B 251 -19.89 19.60 30.80
N LEU B 252 -20.13 18.29 30.76
CA LEU B 252 -21.34 17.80 30.12
C LEU B 252 -22.58 18.44 30.73
N ALA B 253 -22.65 18.53 32.07
CA ALA B 253 -23.81 19.14 32.72
C ALA B 253 -23.94 20.61 32.35
N ARG B 254 -22.83 21.34 32.29
CA ARG B 254 -22.88 22.74 31.88
C ARG B 254 -23.42 22.86 30.46
N VAL B 255 -22.97 22.00 29.56
CA VAL B 255 -23.39 22.09 28.17
C VAL B 255 -24.87 21.71 28.04
N ARG B 256 -25.33 20.71 28.79
CA ARG B 256 -26.76 20.38 28.76
C ARG B 256 -27.61 21.56 29.20
N GLN B 257 -27.15 22.27 30.23
CA GLN B 257 -27.90 23.40 30.78
C GLN B 257 -27.80 24.62 29.89
N ASP B 258 -26.75 24.74 29.08
CA ASP B 258 -26.54 25.88 28.19
C ASP B 258 -26.01 25.36 26.86
N PRO B 259 -26.89 24.89 25.98
CA PRO B 259 -26.43 24.29 24.72
C PRO B 259 -25.74 25.26 23.81
N SER B 260 -25.79 26.56 24.07
CA SER B 260 -25.02 27.49 23.28
C SER B 260 -23.52 27.32 23.46
N LEU B 261 -23.08 26.55 24.46
CA LEU B 261 -21.69 26.19 24.64
C LEU B 261 -21.23 25.10 23.67
N LEU B 262 -22.12 24.52 22.87
CA LEU B 262 -21.70 23.41 22.03
C LEU B 262 -20.61 23.77 21.04
N PRO B 263 -20.63 24.92 20.36
CA PRO B 263 -19.50 25.24 19.48
C PRO B 263 -18.17 25.18 20.20
N ALA B 264 -18.12 25.73 21.41
CA ALA B 264 -16.86 25.69 22.14
C ALA B 264 -16.48 24.27 22.55
N ALA B 265 -17.47 23.45 22.94
CA ALA B 265 -17.19 22.08 23.33
C ALA B 265 -16.59 21.30 22.15
N ILE B 266 -17.09 21.56 20.95
CA ILE B 266 -16.61 20.86 19.77
C ILE B 266 -15.22 21.36 19.40
N GLU B 267 -15.01 22.68 19.43
CA GLU B 267 -13.71 23.21 19.09
C GLU B 267 -12.63 22.75 20.06
N GLU B 268 -12.91 22.83 21.36
CA GLU B 268 -11.92 22.33 22.32
C GLU B 268 -11.71 20.84 22.15
N GLY B 269 -12.72 20.11 21.76
CA GLY B 269 -12.56 18.68 21.51
C GLY B 269 -11.64 18.36 20.35
N MET B 270 -11.68 19.20 19.35
CA MET B 270 -10.83 19.03 18.18
C MET B 270 -9.38 19.24 18.56
N ARG B 271 -9.13 20.10 19.54
CA ARG B 271 -7.78 20.28 20.06
C ARG B 271 -7.38 19.12 20.98
N TRP B 272 -8.24 18.83 21.94
CA TRP B 272 -7.93 17.86 23.00
C TRP B 272 -7.83 16.44 22.46
N CYS B 273 -8.73 16.07 21.54
CA CYS B 273 -8.81 14.70 21.02
C CYS B 273 -9.11 14.76 19.53
N PRO B 274 -8.12 15.14 18.72
CA PRO B 274 -8.33 15.25 17.27
C PRO B 274 -8.65 13.90 16.67
N SER B 275 -9.48 13.92 15.62
CA SER B 275 -9.91 12.69 14.97
C SER B 275 -9.14 12.36 13.70
N ILE B 276 -8.31 13.25 13.19
CA ILE B 276 -7.50 12.96 12.00
C ILE B 276 -6.08 12.63 12.41
N PHE B 277 -5.34 12.04 11.47
CA PHE B 277 -3.92 11.76 11.70
C PHE B 277 -3.04 12.95 11.33
N GLY B 278 -3.52 13.84 10.49
CA GLY B 278 -2.69 14.76 9.78
C GLY B 278 -3.18 14.86 8.35
N VAL B 279 -2.34 15.44 7.49
CA VAL B 279 -2.71 15.81 6.15
C VAL B 279 -1.55 15.51 5.21
N LEU B 280 -1.80 14.81 4.10
CA LEU B 280 -0.74 14.50 3.16
C LEU B 280 -0.48 15.64 2.17
N ARG B 281 0.79 15.78 1.79
CA ARG B 281 1.23 16.61 0.69
C ARG B 281 2.33 15.87 -0.05
N MET B 282 2.55 16.27 -1.28
CA MET B 282 3.65 15.75 -2.10
C MET B 282 4.66 16.85 -2.38
N VAL B 283 5.93 16.56 -2.08
CA VAL B 283 7.02 17.49 -2.36
C VAL B 283 7.32 17.46 -3.85
N GLU B 284 7.20 18.62 -4.50
CA GLU B 284 7.33 18.72 -5.94
C GLU B 284 8.74 19.06 -6.39
N ARG B 285 9.60 19.55 -5.50
CA ARG B 285 10.98 19.86 -5.81
C ARG B 285 11.79 19.76 -4.53
N ASP B 286 13.08 19.48 -4.65
CA ASP B 286 13.94 19.48 -3.47
C ASP B 286 13.73 20.80 -2.72
N VAL B 287 13.55 20.70 -1.41
CA VAL B 287 13.26 21.86 -0.58
C VAL B 287 13.98 21.68 0.74
N ARG B 288 14.39 22.81 1.31
CA ARG B 288 15.02 22.82 2.62
C ARG B 288 14.14 23.65 3.53
N LEU B 289 13.81 23.10 4.69
CA LEU B 289 12.99 23.76 5.69
C LEU B 289 13.94 23.97 6.85
N ASP B 290 14.47 25.19 6.97
CA ASP B 290 15.55 25.47 7.90
C ASP B 290 16.64 24.44 7.67
N ASP B 291 16.93 23.63 8.68
CA ASP B 291 17.97 22.62 8.61
C ASP B 291 17.50 21.32 7.97
N GLN B 292 16.23 21.24 7.56
CA GLN B 292 15.66 19.99 7.09
C GLN B 292 15.55 20.02 5.57
N ALA B 293 15.77 18.87 4.95
CA ALA B 293 15.69 18.76 3.50
C ALA B 293 14.75 17.62 3.11
N LEU B 294 13.91 17.90 2.14
CA LEU B 294 13.04 16.88 1.56
C LEU B 294 13.26 16.80 0.06
N SER B 295 13.26 15.58 -0.47
CA SER B 295 13.52 15.37 -1.89
C SER B 295 12.25 15.34 -2.73
N ALA B 296 12.36 15.89 -3.94
CA ALA B 296 11.28 15.87 -4.91
C ALA B 296 10.68 14.49 -5.04
N GLY B 297 9.36 14.43 -4.98
CA GLY B 297 8.62 13.19 -5.13
C GLY B 297 8.18 12.58 -3.82
N THR B 298 8.76 12.98 -2.70
CA THR B 298 8.43 12.41 -1.40
C THR B 298 7.04 12.84 -0.97
N VAL B 299 6.23 11.88 -0.54
CA VAL B 299 4.96 12.20 0.11
C VAL B 299 5.25 12.41 1.59
N VAL B 300 4.69 13.48 2.15
CA VAL B 300 4.83 13.79 3.57
C VAL B 300 3.48 13.95 4.24
N CYS B 301 3.48 13.85 5.57
CA CYS B 301 2.32 14.13 6.39
C CYS B 301 2.54 15.39 7.18
N LEU B 302 1.72 16.41 6.95
CA LEU B 302 1.72 17.59 7.81
C LEU B 302 0.88 17.28 9.03
N ALA B 303 1.47 17.37 10.22
CA ALA B 303 0.74 17.08 11.46
C ALA B 303 0.50 18.39 12.22
N GLY B 304 -0.38 19.23 11.65
CA GLY B 304 -0.76 20.46 12.31
C GLY B 304 -1.31 20.21 13.69
N ILE B 305 -1.93 19.05 13.89
CA ILE B 305 -2.43 18.66 15.21
CA ILE B 305 -2.43 18.66 15.21
C ILE B 305 -1.31 18.49 16.23
N ALA B 306 -0.04 18.49 15.82
CA ALA B 306 1.05 18.44 16.80
C ALA B 306 1.15 19.72 17.63
N GLY B 307 0.52 20.81 17.18
CA GLY B 307 0.44 22.02 17.96
C GLY B 307 -0.67 22.05 18.97
N ASN B 308 -1.56 21.05 18.95
CA ASN B 308 -2.70 21.04 19.86
C ASN B 308 -2.25 20.99 21.30
N TYR B 309 -1.10 20.36 21.57
CA TYR B 309 -0.59 20.17 22.91
C TYR B 309 0.67 20.99 23.16
N ASP B 310 0.89 22.02 22.34
CA ASP B 310 1.94 22.99 22.59
C ASP B 310 1.50 23.84 23.76
N GLU B 311 2.10 23.57 24.91
CA GLU B 311 1.67 24.21 26.17
C GLU B 311 1.95 25.71 26.18
N THR B 312 2.81 26.22 25.30
CA THR B 312 3.01 27.67 25.22
C THR B 312 1.83 28.36 24.57
N ALA B 313 1.09 27.64 23.73
CA ALA B 313 -0.13 28.16 23.11
C ALA B 313 -1.36 27.82 23.94
N TYR B 314 -1.38 26.63 24.53
CA TYR B 314 -2.55 26.10 25.23
C TYR B 314 -2.07 25.52 26.55
N PRO B 315 -1.98 26.33 27.60
CA PRO B 315 -1.48 25.83 28.89
C PRO B 315 -2.33 24.69 29.41
N SER B 316 -1.69 23.75 30.10
CA SER B 316 -2.32 22.53 30.59
C SER B 316 -3.09 21.86 29.45
N PRO B 317 -2.43 21.49 28.36
CA PRO B 317 -3.16 21.03 27.18
C PRO B 317 -3.87 19.72 27.39
N GLU B 318 -3.48 18.94 28.40
CA GLU B 318 -4.18 17.69 28.68
C GLU B 318 -5.54 17.93 29.31
N VAL B 319 -5.84 19.16 29.71
CA VAL B 319 -7.14 19.48 30.29
C VAL B 319 -8.13 19.85 29.18
N TYR B 320 -9.29 19.23 29.21
CA TYR B 320 -10.40 19.57 28.32
C TYR B 320 -11.11 20.77 28.95
N ASP B 321 -10.85 21.96 28.40
CA ASP B 321 -11.30 23.22 28.99
C ASP B 321 -12.05 24.03 27.93
N ILE B 322 -13.39 23.96 27.97
CA ILE B 322 -14.19 24.68 26.98
C ILE B 322 -14.19 26.18 27.19
N ASP B 323 -13.61 26.66 28.29
CA ASP B 323 -13.50 28.08 28.61
C ASP B 323 -12.21 28.71 28.13
N ARG B 324 -11.36 27.97 27.41
CA ARG B 324 -10.17 28.58 26.85
C ARG B 324 -10.56 29.79 26.00
N LYS B 325 -9.80 30.87 26.16
CA LYS B 325 -10.03 32.04 25.34
C LYS B 325 -8.68 32.60 24.93
N PRO B 326 -8.43 32.71 23.61
CA PRO B 326 -9.36 32.31 22.54
C PRO B 326 -9.55 30.79 22.47
N LEU B 327 -10.66 30.37 21.88
CA LEU B 327 -10.84 28.96 21.63
C LEU B 327 -9.77 28.50 20.65
N PRO B 328 -9.35 27.24 20.73
CA PRO B 328 -8.29 26.77 19.82
C PRO B 328 -8.76 26.72 18.37
N ALA B 329 -7.89 27.17 17.48
CA ALA B 329 -8.16 27.09 16.05
C ALA B 329 -8.07 25.63 15.61
N ALA B 330 -9.08 25.15 14.89
CA ALA B 330 -9.11 23.74 14.50
C ALA B 330 -8.00 23.43 13.49
N ASN B 331 -7.28 22.35 13.76
CA ASN B 331 -6.21 21.87 12.89
C ASN B 331 -6.60 20.60 12.14
N VAL B 332 -7.83 20.12 12.33
CA VAL B 332 -8.25 18.84 11.80
C VAL B 332 -8.84 18.93 10.39
N PHE B 333 -8.88 20.12 9.78
CA PHE B 333 -9.43 20.30 8.44
C PHE B 333 -8.37 20.65 7.40
N GLY B 334 -7.10 20.54 7.74
CA GLY B 334 -6.08 20.87 6.78
C GLY B 334 -5.84 22.37 6.68
N GLY B 335 -5.46 22.81 5.48
CA GLY B 335 -5.02 24.19 5.31
C GLY B 335 -4.74 24.54 3.87
N GLY B 336 -4.32 25.78 3.68
CA GLY B 336 -4.12 26.27 2.35
C GLY B 336 -5.42 26.23 1.54
N ALA B 337 -5.25 26.10 0.24
CA ALA B 337 -6.40 26.10 -0.65
C ALA B 337 -7.23 24.82 -0.53
N HIS B 338 -6.70 23.78 0.09
CA HIS B 338 -7.38 22.51 0.21
C HIS B 338 -8.18 22.32 1.50
N PHE B 339 -8.15 23.28 2.42
CA PHE B 339 -8.87 23.18 3.69
C PHE B 339 -10.24 22.59 3.45
N CYS B 340 -10.61 21.59 4.23
CA CYS B 340 -11.82 20.80 4.00
C CYS B 340 -13.02 21.65 3.61
N VAL B 341 -13.58 21.36 2.44
CA VAL B 341 -14.77 22.08 1.98
C VAL B 341 -16.02 21.65 2.72
N GLY B 342 -16.06 20.45 3.28
CA GLY B 342 -17.22 19.95 3.99
C GLY B 342 -17.30 20.29 5.45
N ALA B 343 -16.24 20.91 5.98
CA ALA B 343 -16.16 21.22 7.40
C ALA B 343 -17.37 21.94 7.94
N PRO B 344 -17.97 22.88 7.21
CA PRO B 344 -19.16 23.56 7.76
C PRO B 344 -20.30 22.61 8.06
N LEU B 345 -20.50 21.60 7.21
CA LEU B 345 -21.54 20.61 7.47
C LEU B 345 -21.19 19.76 8.68
N ALA B 346 -19.94 19.31 8.77
CA ALA B 346 -19.54 18.45 9.89
C ALA B 346 -19.67 19.18 11.23
N ARG B 347 -19.22 20.43 11.31
CA ARG B 347 -19.32 21.17 12.57
C ARG B 347 -20.78 21.35 12.99
N MET B 348 -21.66 21.60 12.02
CA MET B 348 -23.07 21.78 12.32
C MET B 348 -23.71 20.47 12.76
N GLU B 349 -23.34 19.36 12.13
CA GLU B 349 -23.92 18.08 12.55
C GLU B 349 -23.53 17.75 13.97
N ALA B 350 -22.28 17.97 14.33
CA ALA B 350 -21.86 17.71 15.70
C ALA B 350 -22.69 18.51 16.68
N ARG B 351 -22.90 19.80 16.41
CA ARG B 351 -23.66 20.63 17.32
C ARG B 351 -25.11 20.16 17.41
N VAL B 352 -25.76 19.98 16.27
CA VAL B 352 -27.18 19.68 16.26
C VAL B 352 -27.43 18.30 16.84
N GLY B 353 -26.59 17.33 16.50
CA GLY B 353 -26.78 15.99 17.02
C GLY B 353 -26.58 15.93 18.53
N LEU B 354 -25.51 16.56 19.03
CA LEU B 354 -25.29 16.56 20.47
C LEU B 354 -26.38 17.33 21.20
N GLN B 355 -26.88 18.42 20.62
CA GLN B 355 -27.97 19.13 21.27
C GLN B 355 -29.16 18.21 21.49
N ALA B 356 -29.53 17.43 20.48
CA ALA B 356 -30.66 16.52 20.60
C ALA B 356 -30.40 15.44 21.64
N LEU B 357 -29.19 14.87 21.63
CA LEU B 357 -28.85 13.81 22.56
C LEU B 357 -28.87 14.29 24.00
N LEU B 358 -28.22 15.42 24.26
CA LEU B 358 -28.11 15.92 25.63
C LEU B 358 -29.48 16.31 26.19
N ALA B 359 -30.34 16.88 25.35
CA ALA B 359 -31.66 17.29 25.84
C ALA B 359 -32.52 16.09 26.18
N ARG B 360 -32.39 15.00 25.45
CA ARG B 360 -33.28 13.87 25.60
C ARG B 360 -32.94 13.04 26.84
N PHE B 361 -31.66 12.97 27.21
CA PHE B 361 -31.19 12.04 28.24
C PHE B 361 -30.46 12.78 29.34
N PRO B 362 -31.20 13.40 30.27
CA PRO B 362 -30.53 14.03 31.41
C PRO B 362 -29.65 13.10 32.23
N GLY B 363 -29.92 11.80 32.22
CA GLY B 363 -29.10 10.87 32.97
C GLY B 363 -27.87 10.36 32.24
N LEU B 364 -27.61 10.86 31.03
CA LEU B 364 -26.53 10.34 30.21
C LEU B 364 -25.20 10.36 30.93
N ARG B 365 -24.51 9.22 30.94
CA ARG B 365 -23.21 9.10 31.54
C ARG B 365 -22.48 7.91 30.95
N ALA B 366 -21.16 7.97 30.99
CA ALA B 366 -20.37 6.83 30.54
C ALA B 366 -20.61 5.63 31.46
N VAL B 367 -20.57 4.44 30.89
CA VAL B 367 -20.60 3.23 31.71
C VAL B 367 -19.30 3.23 32.49
N PRO B 368 -19.32 3.23 33.84
CA PRO B 368 -18.10 3.26 34.65
C PRO B 368 -17.44 1.90 34.87
N GLU B 369 -17.21 1.19 33.78
CA GLU B 369 -16.59 -0.14 33.82
C GLU B 369 -15.48 -0.19 32.76
N GLU B 370 -15.68 -0.94 31.67
CA GLU B 370 -14.71 -0.90 30.58
C GLU B 370 -14.62 0.53 30.02
N ARG B 371 -13.43 0.87 29.59
CA ARG B 371 -13.10 2.20 29.10
C ARG B 371 -12.81 2.12 27.61
N PRO B 372 -13.19 3.16 26.84
CA PRO B 372 -12.78 3.19 25.44
C PRO B 372 -11.27 3.15 25.30
N SER B 373 -10.81 2.46 24.25
CA SER B 373 -9.41 2.45 23.84
C SER B 373 -9.28 3.32 22.60
N PHE B 374 -8.25 4.16 22.60
CA PHE B 374 -8.01 5.13 21.54
C PHE B 374 -6.75 4.80 20.77
N MET B 375 -6.83 4.94 19.44
CA MET B 375 -5.63 4.88 18.61
C MET B 375 -6.03 5.34 17.22
N TYR B 376 -5.03 5.70 16.43
CA TYR B 376 -5.26 5.82 15.00
C TYR B 376 -5.65 4.45 14.50
N GLY B 377 -6.67 4.42 13.66
CA GLY B 377 -7.09 3.17 13.11
C GLY B 377 -8.16 2.48 13.90
N ALA B 378 -8.77 3.19 14.84
CA ALA B 378 -9.88 2.64 15.58
C ALA B 378 -10.90 2.05 14.63
N LYS B 379 -11.34 0.82 14.93
CA LYS B 379 -12.33 0.12 14.14
C LYS B 379 -11.92 0.04 12.66
N ASP B 380 -10.62 -0.07 12.39
CA ASP B 380 -10.11 -0.20 11.03
C ASP B 380 -10.27 1.08 10.21
N SER B 381 -10.50 2.22 10.86
CA SER B 381 -10.71 3.50 10.19
C SER B 381 -9.36 4.18 9.90
N VAL B 382 -9.42 5.43 9.44
CA VAL B 382 -8.25 6.29 9.35
C VAL B 382 -8.36 7.46 10.34
N ALA B 383 -9.09 7.25 11.43
CA ALA B 383 -9.26 8.23 12.48
C ALA B 383 -8.53 7.81 13.75
N HIS B 384 -8.18 8.81 14.56
CA HIS B 384 -7.87 8.61 15.97
C HIS B 384 -9.17 8.75 16.74
N GLY B 385 -9.61 7.69 17.38
CA GLY B 385 -10.90 7.68 18.01
C GLY B 385 -11.06 6.49 18.92
N PRO B 386 -12.21 6.39 19.57
CA PRO B 386 -12.51 5.30 20.51
C PRO B 386 -12.97 4.04 19.79
N ASP B 387 -12.79 2.90 20.45
CA ASP B 387 -13.33 1.65 19.94
C ASP B 387 -14.81 1.47 20.27
N LYS B 388 -15.31 2.17 21.27
CA LYS B 388 -16.67 2.08 21.75
C LYS B 388 -16.94 3.26 22.66
N LEU B 389 -18.21 3.59 22.82
CA LEU B 389 -18.65 4.63 23.74
C LEU B 389 -19.88 4.15 24.51
N PRO B 390 -19.70 3.17 25.39
CA PRO B 390 -20.87 2.65 26.14
C PRO B 390 -21.37 3.69 27.16
N VAL B 391 -22.69 3.88 27.19
CA VAL B 391 -23.32 4.82 28.09
C VAL B 391 -24.55 4.20 28.73
N LEU B 392 -24.90 4.76 29.88
CA LEU B 392 -26.20 4.58 30.52
C LEU B 392 -27.03 5.83 30.24
N LEU B 393 -28.25 5.64 29.80
CA LEU B 393 -29.08 6.71 29.40
C LEU B 393 -29.99 7.31 30.45
N HIS B 394 -30.37 6.50 31.42
CA HIS B 394 -31.34 6.85 32.46
C HIS B 394 -30.81 6.84 33.88
N HIS B 395 -31.38 7.71 34.73
CA HIS B 395 -30.92 7.99 36.09
C HIS B 395 -30.96 6.72 36.93
CHA HEM C . 20.13 -11.16 -9.48
CHA HEM C . 20.07 -10.97 -9.51
CHB HEM C . 20.40 -15.45 -7.33
CHB HEM C . 15.59 -11.99 -11.04
CHC HEM C . 16.13 -16.68 -9.17
CHC HEM C . 16.08 -16.43 -9.19
CHD HEM C . 15.64 -12.23 -10.95
CHD HEM C . 20.34 -15.25 -7.27
C1A HEM C . 20.60 -12.24 -8.80
C1A HEM C . 18.83 -10.86 -10.05
C2A HEM C . 21.89 -12.32 -8.17
C2A HEM C . 18.26 -9.67 -10.64
C3A HEM C . 21.96 -13.51 -7.57
C3A HEM C . 17.04 -9.94 -11.08
C4A HEM C . 20.72 -14.20 -7.79
C4A HEM C . 16.77 -11.33 -10.77
CMA HEM C . 23.15 -14.06 -6.77
CMA HEM C . 16.05 -8.98 -11.77
CAA HEM C . 22.96 -11.21 -8.27
CAA HEM C . 18.97 -8.31 -10.78
CBA HEM C . 23.63 -11.38 -9.64
CBA HEM C . 19.85 -8.39 -12.02
CGA HEM C . 24.72 -10.36 -9.95
CGA HEM C . 20.43 -7.03 -12.37
O1A HEM C . 25.70 -10.73 -10.64
O1A HEM C . 20.76 -6.27 -11.42
O2A HEM C . 24.57 -9.20 -9.49
O2A HEM C . 20.57 -6.73 -13.58
C1B HEM C . 19.30 -16.18 -7.68
C1B HEM C . 15.35 -13.29 -10.70
C2B HEM C . 19.07 -17.57 -7.38
C2B HEM C . 14.16 -14.06 -11.03
C3B HEM C . 17.88 -17.89 -7.89
C3B HEM C . 14.31 -15.28 -10.50
C4B HEM C . 17.34 -16.74 -8.54
C4B HEM C . 15.58 -15.32 -9.83
CMB HEM C . 20.04 -18.44 -6.59
CMB HEM C . 13.01 -13.44 -11.85
CAB HEM C . 17.20 -19.24 -7.92
CAB HEM C . 13.39 -16.53 -10.51
CBB HEM C . 17.93 -20.28 -8.20
CBB HEM C . 12.31 -16.65 -11.26
C1C HEM C . 15.59 -15.58 -9.78
C1C HEM C . 17.29 -16.52 -8.56
C2C HEM C . 14.31 -15.50 -10.44
C2C HEM C . 17.83 -17.72 -7.97
C3C HEM C . 14.18 -14.26 -10.95
C3C HEM C . 19.01 -17.38 -7.42
C4C HEM C . 15.38 -13.54 -10.61
C4C HEM C . 19.24 -15.98 -7.66
CMC HEM C . 13.34 -16.68 -10.51
CMC HEM C . 17.07 -19.05 -8.06
CAC HEM C . 13.02 -13.61 -11.75
CAC HEM C . 20.01 -18.28 -6.67
CBC HEM C . 11.98 -14.24 -12.32
CBC HEM C . 19.96 -19.62 -6.70
C1D HEM C . 16.82 -11.57 -10.69
C1D HEM C . 20.68 -14.00 -7.74
C2D HEM C . 17.08 -10.19 -11.04
C2D HEM C . 21.92 -13.31 -7.56
C3D HEM C . 18.31 -9.89 -10.64
C3D HEM C . 21.86 -12.13 -8.19
C4D HEM C . 18.87 -11.06 -10.00
C4D HEM C . 20.56 -12.04 -8.79
CMD HEM C . 16.07 -9.26 -11.75
CMD HEM C . 23.12 -13.87 -6.78
CAD HEM C . 19.01 -8.53 -10.79
CAD HEM C . 22.94 -11.04 -8.31
CBD HEM C . 19.90 -8.53 -12.03
CBD HEM C . 23.57 -11.21 -9.69
CGD HEM C . 20.46 -7.17 -12.36
CGD HEM C . 24.62 -10.15 -9.95
O1D HEM C . 20.74 -6.37 -11.43
O1D HEM C . 25.60 -10.43 -10.69
O2D HEM C . 20.66 -6.89 -13.58
O2D HEM C . 24.46 -9.00 -9.44
NA HEM C . 19.90 -13.41 -8.56
NA HEM C . 17.88 -11.86 -10.13
NB HEM C . 18.22 -15.71 -8.39
NB HEM C . 16.18 -14.10 -9.94
NC HEM C . 16.21 -14.36 -9.89
NC HEM C . 18.16 -15.48 -8.35
ND HEM C . 17.93 -12.09 -10.05
ND HEM C . 19.86 -13.19 -8.50
FE HEM C . 18.06 -13.94 -9.29
FE HEM C . 18.05 -13.62 -9.23
N HIS D . 16.30 -9.53 -4.20
CA HIS D . 17.08 -10.68 -3.64
C HIS D . 18.47 -10.58 -4.08
O HIS D . 18.79 -9.64 -4.83
CB HIS D . 16.53 -12.03 -4.06
CG HIS D . 16.64 -12.30 -5.52
ND1 HIS D . 15.77 -11.78 -6.41
CD2 HIS D . 17.53 -13.01 -6.24
CE1 HIS D . 16.05 -12.20 -7.62
NE2 HIS D . 17.14 -12.95 -7.56
OXT HIS D . 19.22 -11.47 -3.74
CHA HEM E . -10.45 17.55 2.58
CHA HEM E . -10.48 17.68 2.54
CHB HEM E . -15.14 16.63 1.89
CHB HEM E . -11.00 16.73 7.22
CHC HEM E . -15.67 16.21 6.63
CHC HEM E . -15.77 16.30 6.62
CHD HEM E . -10.95 16.66 7.29
CHD HEM E . -15.16 16.64 1.86
C1A HEM E . -11.67 17.40 2.00
C1A HEM E . -10.20 17.44 3.85
C2A HEM E . -11.95 17.53 0.58
C2A HEM E . -8.89 17.48 4.46
C3A HEM E . -13.23 17.25 0.39
C3A HEM E . -9.05 17.22 5.76
C4A HEM E . -13.83 16.94 1.68
C4A HEM E . -10.45 17.01 6.00
CMA HEM E . -13.99 17.28 -0.95
CMA HEM E . -7.94 17.15 6.83
CAA HEM E . -10.90 17.94 -0.48
CAA HEM E . -7.52 17.77 3.78
CBA HEM E . -10.79 19.48 -0.46
CBA HEM E . -7.48 19.10 3.04
CGA HEM E . -9.74 20.04 -1.41
CGA HEM E . -6.04 19.53 2.84
O1A HEM E . -8.71 19.41 -1.65
O1A HEM E . -5.59 20.58 3.37
O2A HEM E . -9.97 21.19 -1.89
O2A HEM E . -5.34 18.80 2.10
C1B HEM E . -15.71 16.49 3.13
C1B HEM E . -12.35 16.56 7.47
C2B HEM E . -17.13 16.38 3.40
C2B HEM E . -12.93 16.39 8.78
C3B HEM E . -17.25 16.26 4.74
C3B HEM E . -14.26 16.25 8.61
C4B HEM E . -15.93 16.32 5.30
C4B HEM E . -14.53 16.35 7.19
CMB HEM E . -18.22 16.38 2.33
CMB HEM E . -12.08 16.35 10.08
CAB HEM E . -18.48 16.16 5.66
CAB HEM E . -15.39 16.04 9.61
CBB HEM E . -19.61 16.81 5.39
CBB HEM E . -15.27 16.00 10.94
C1C HEM E . -14.46 16.25 7.22
C1C HEM E . -16.06 16.41 5.28
C2C HEM E . -14.22 16.12 8.64
C2C HEM E . -17.36 16.47 4.67
C3C HEM E . -12.89 16.25 8.85
C3C HEM E . -17.18 16.54 3.33
C4C HEM E . -12.29 16.47 7.53
C4C HEM E . -15.77 16.56 3.08
CMC HEM E . -15.31 15.87 9.67
CMC HEM E . -18.65 16.46 5.53
CAC HEM E . -12.06 16.20 10.14
CAC HEM E . -18.19 16.67 2.18
CBC HEM E . -12.53 16.00 11.39
CBC HEM E . -19.48 16.90 2.37
C1D HEM E . -10.41 16.92 6.06
C1D HEM E . -13.86 17.01 1.63
C2D HEM E . -9.02 17.11 5.80
C2D HEM E . -13.26 17.38 0.35
C3D HEM E . -8.86 17.36 4.49
C3D HEM E . -11.98 17.68 0.54
C4D HEM E . -10.15 17.32 3.90
C4D HEM E . -11.69 17.51 1.95
CMD HEM E . -7.91 17.04 6.86
CMD HEM E . -14.04 17.41 -0.99
CAD HEM E . -7.53 17.62 3.74
CAD HEM E . -10.95 18.14 -0.52
CBD HEM E . -7.30 19.13 3.61
CBD HEM E . -10.84 19.67 -0.47
CGD HEM E . -5.93 19.44 3.08
CGD HEM E . -9.79 20.22 -1.41
O1D HEM E . -5.32 20.48 3.45
O1D HEM E . -9.99 21.38 -1.88
O2D HEM E . -5.45 18.63 2.23
O2D HEM E . -8.79 19.52 -1.68
NA HEM E . -12.84 17.03 2.63
NA HEM E . -11.15 17.16 4.82
NB HEM E . -15.00 16.46 4.30
NB HEM E . -13.35 16.55 6.53
NC HEM E . -13.26 16.47 6.59
NC HEM E . -15.12 16.47 4.29
ND HEM E . -11.09 17.06 4.88
ND HEM E . -12.85 17.09 2.58
FE HEM E . -12.93 16.80 4.61
FE HEM E . -13.31 16.83 4.57
N HIS F . -9.88 10.88 2.84
CA HIS F . -11.20 11.05 2.14
C HIS F . -11.01 12.14 1.23
O HIS F . -9.92 12.78 1.30
CB HIS F . -12.39 11.32 3.04
CG HIS F . -12.37 12.67 3.68
ND1 HIS F . -11.61 12.90 4.78
CD2 HIS F . -12.96 13.82 3.35
CE1 HIS F . -11.78 14.14 5.17
NE2 HIS F . -12.60 14.74 4.31
OXT HIS F . -11.91 12.38 0.47
#